data_4EJF
#
_entry.id   4EJF
#
_cell.length_a   128.299
_cell.length_b   105.692
_cell.length_c   91.924
_cell.angle_alpha   90.000
_cell.angle_beta   106.610
_cell.angle_gamma   90.000
#
_symmetry.space_group_name_H-M   'C 1 2 1'
#
loop_
_entity.id
_entity.type
_entity.pdbx_description
1 polymer Caspase-6
2 polymer 'phage-derived peptide 419'
3 non-polymer 'PHOSPHATE ION'
4 water water
#
loop_
_entity_poly.entity_id
_entity_poly.type
_entity_poly.pdbx_seq_one_letter_code
_entity_poly.pdbx_strand_id
1 'polypeptide(L)'
;MGSAFYKREMFDPAEKYKMDHRRRGIALIFNHERFFWHLTLPERRGTCADRDNLTRRFSDLGFEVKCFNDLKAEELLLKI
HEVSTVSHADADCFVCVFLSHGEGNHIYAYDAKIEIQTLTGLFKGDKCHSLVGKPKIFIIQAARGNQHDVPVIPLDVVDN
QTEKLDTNITEVDAASVYTLPAGADFLMCYSVAEGYYSHRETVNGSWYIQDLCEMLGKYGSSLEFTELLTLVNRKVSQRR
VDFCKDPSAIGKKQVPCFASMLTKKLHFFPKSNHHHHHH
;
A,B,C,D
2 'polypeptide(L)' TEKEKGRLHCVEWTILER E,F,G,H
#
# COMPACT_ATOMS: atom_id res chain seq x y z
N MET A 10 -43.34 18.08 -1.66
CA MET A 10 -42.87 16.99 -2.51
C MET A 10 -41.76 16.19 -1.82
N PHE A 11 -41.64 16.37 -0.51
CA PHE A 11 -40.63 15.67 0.27
C PHE A 11 -41.25 14.89 1.42
N ASP A 12 -40.94 13.59 1.49
CA ASP A 12 -41.47 12.73 2.54
C ASP A 12 -40.38 12.15 3.44
N PRO A 13 -40.30 12.63 4.69
CA PRO A 13 -39.30 12.18 5.65
C PRO A 13 -39.49 10.73 6.09
N ALA A 14 -40.58 10.11 5.66
CA ALA A 14 -40.87 8.72 6.02
C ALA A 14 -40.98 7.83 4.80
N GLU A 15 -40.46 8.31 3.68
CA GLU A 15 -40.56 7.60 2.41
C GLU A 15 -39.91 6.22 2.48
N LYS A 16 -40.55 5.23 1.86
CA LYS A 16 -40.08 3.86 1.91
C LYS A 16 -39.74 3.31 0.53
N TYR A 17 -38.86 2.31 0.51
CA TYR A 17 -38.64 1.54 -0.71
C TYR A 17 -39.90 0.77 -1.02
N LYS A 18 -40.36 0.85 -2.26
CA LYS A 18 -41.50 0.04 -2.68
C LYS A 18 -41.13 -1.42 -2.52
N MET A 19 -41.76 -2.09 -1.57
CA MET A 19 -41.63 -3.54 -1.47
C MET A 19 -42.90 -4.18 -2.02
N ASP A 20 -43.36 -3.64 -3.14
CA ASP A 20 -44.63 -4.02 -3.76
C ASP A 20 -44.52 -5.25 -4.64
N HIS A 21 -43.37 -5.37 -5.32
CA HIS A 21 -43.19 -6.33 -6.40
C HIS A 21 -43.68 -7.74 -6.08
N ARG A 22 -43.93 -8.52 -7.13
CA ARG A 22 -44.42 -9.88 -6.98
C ARG A 22 -43.48 -10.73 -6.13
N ARG A 23 -42.18 -10.55 -6.34
CA ARG A 23 -41.18 -11.30 -5.59
C ARG A 23 -40.39 -10.40 -4.65
N ARG A 24 -39.90 -10.98 -3.57
CA ARG A 24 -39.06 -10.27 -2.61
C ARG A 24 -37.69 -10.03 -3.23
N GLY A 25 -37.18 -11.04 -3.94
CA GLY A 25 -35.87 -10.95 -4.54
C GLY A 25 -35.01 -12.16 -4.19
N ILE A 26 -33.79 -12.17 -4.71
CA ILE A 26 -32.87 -13.26 -4.48
C ILE A 26 -31.95 -13.00 -3.30
N ALA A 27 -31.78 -14.00 -2.45
CA ALA A 27 -30.78 -13.94 -1.39
C ALA A 27 -29.65 -14.91 -1.70
N LEU A 28 -28.49 -14.35 -2.03
CA LEU A 28 -27.31 -15.15 -2.37
C LEU A 28 -26.46 -15.37 -1.14
N ILE A 29 -26.06 -16.62 -0.91
CA ILE A 29 -25.20 -16.93 0.23
C ILE A 29 -23.99 -17.75 -0.19
N PHE A 30 -22.81 -17.22 0.05
CA PHE A 30 -21.58 -17.93 -0.26
C PHE A 30 -20.91 -18.43 1.01
N ASN A 31 -21.03 -19.74 1.23
CA ASN A 31 -20.51 -20.36 2.44
C ASN A 31 -19.16 -21.00 2.20
N HIS A 32 -18.15 -20.55 2.95
CA HIS A 32 -16.80 -21.08 2.80
C HIS A 32 -16.29 -21.71 4.09
N GLU A 33 -15.99 -23.00 4.02
CA GLU A 33 -15.68 -23.80 5.20
C GLU A 33 -14.20 -24.16 5.27
N ARG A 34 -13.61 -24.46 4.13
CA ARG A 34 -12.19 -24.80 4.06
C ARG A 34 -11.54 -24.11 2.88
N PHE A 35 -10.21 -24.18 2.80
CA PHE A 35 -9.50 -23.42 1.79
C PHE A 35 -8.31 -24.14 1.15
N PHE A 36 -7.92 -23.59 0.02
CA PHE A 36 -6.79 -24.09 -0.76
C PHE A 36 -5.53 -24.19 0.09
N TRP A 37 -4.91 -25.37 0.07
CA TRP A 37 -3.73 -25.64 0.89
C TRP A 37 -2.73 -24.48 0.92
N HIS A 38 -2.53 -23.84 -0.23
CA HIS A 38 -1.50 -22.82 -0.36
C HIS A 38 -1.89 -21.46 0.23
N LEU A 39 -3.18 -21.23 0.39
CA LEU A 39 -3.64 -20.01 1.06
C LEU A 39 -3.35 -20.13 2.55
N THR A 40 -3.08 -21.35 2.99
CA THR A 40 -2.85 -21.65 4.41
C THR A 40 -3.80 -20.91 5.33
N LEU A 41 -5.09 -21.09 5.07
CA LEU A 41 -6.14 -20.50 5.90
C LEU A 41 -6.86 -21.59 6.69
N PRO A 42 -7.12 -21.34 7.97
CA PRO A 42 -7.76 -22.34 8.83
C PRO A 42 -9.23 -22.57 8.48
N GLU A 43 -9.73 -23.75 8.81
CA GLU A 43 -11.15 -24.07 8.62
C GLU A 43 -12.02 -23.11 9.40
N ARG A 44 -13.28 -23.02 9.02
CA ARG A 44 -14.23 -22.17 9.72
C ARG A 44 -15.42 -22.99 10.21
N ARG A 45 -15.15 -23.94 11.11
CA ARG A 45 -16.18 -24.81 11.65
C ARG A 45 -17.33 -24.03 12.26
N GLY A 46 -18.55 -24.43 11.91
CA GLY A 46 -19.74 -23.77 12.42
C GLY A 46 -20.35 -22.83 11.40
N THR A 47 -19.70 -22.71 10.24
CA THR A 47 -20.17 -21.82 9.19
C THR A 47 -21.42 -22.39 8.51
N CYS A 48 -21.54 -23.70 8.51
CA CYS A 48 -22.71 -24.34 7.92
C CYS A 48 -23.96 -24.04 8.75
N ALA A 49 -23.79 -23.96 10.06
CA ALA A 49 -24.89 -23.57 10.95
C ALA A 49 -25.35 -22.16 10.61
N ASP A 50 -24.41 -21.27 10.35
CA ASP A 50 -24.72 -19.91 9.92
C ASP A 50 -25.48 -19.94 8.61
N ARG A 51 -24.97 -20.72 7.67
CA ARG A 51 -25.58 -20.88 6.35
C ARG A 51 -27.05 -21.28 6.46
N ASP A 52 -27.32 -22.33 7.23
CA ASP A 52 -28.68 -22.82 7.40
C ASP A 52 -29.56 -21.82 8.12
N ASN A 53 -29.00 -21.22 9.18
CA ASN A 53 -29.72 -20.20 9.93
C ASN A 53 -30.14 -19.06 9.01
N LEU A 54 -29.18 -18.55 8.24
CA LEU A 54 -29.44 -17.51 7.26
C LEU A 54 -30.46 -17.95 6.22
N THR A 55 -30.35 -19.21 5.79
CA THR A 55 -31.25 -19.75 4.79
C THR A 55 -32.71 -19.71 5.25
N ARG A 56 -32.96 -20.15 6.47
CA ARG A 56 -34.32 -20.21 6.98
C ARG A 56 -34.93 -18.83 7.19
N ARG A 57 -34.16 -17.91 7.75
CA ARG A 57 -34.67 -16.60 8.11
C ARG A 57 -34.98 -15.72 6.91
N PHE A 58 -34.21 -15.84 5.84
CA PHE A 58 -34.45 -15.05 4.64
C PHE A 58 -35.56 -15.66 3.78
N SER A 59 -35.68 -16.98 3.81
CA SER A 59 -36.80 -17.65 3.16
C SER A 59 -38.10 -17.18 3.80
N ASP A 60 -38.13 -17.15 5.13
CA ASP A 60 -39.32 -16.73 5.86
C ASP A 60 -39.68 -15.28 5.55
N LEU A 61 -38.69 -14.49 5.14
CA LEU A 61 -38.94 -13.11 4.74
C LEU A 61 -39.31 -13.04 3.25
N GLY A 62 -39.37 -14.19 2.59
CA GLY A 62 -39.84 -14.24 1.22
C GLY A 62 -38.75 -14.29 0.16
N PHE A 63 -37.51 -14.44 0.59
CA PHE A 63 -36.39 -14.47 -0.35
C PHE A 63 -36.23 -15.82 -1.04
N GLU A 64 -35.79 -15.77 -2.30
CA GLU A 64 -35.43 -16.96 -3.04
C GLU A 64 -33.97 -17.27 -2.72
N VAL A 65 -33.75 -18.05 -1.66
CA VAL A 65 -32.40 -18.29 -1.15
C VAL A 65 -31.59 -19.22 -2.04
N LYS A 66 -30.37 -18.80 -2.37
CA LYS A 66 -29.48 -19.60 -3.20
C LYS A 66 -28.11 -19.74 -2.54
N CYS A 67 -27.79 -20.97 -2.13
CA CYS A 67 -26.55 -21.24 -1.40
C CYS A 67 -25.48 -21.90 -2.27
N PHE A 68 -24.23 -21.55 -2.03
CA PHE A 68 -23.10 -22.17 -2.70
C PHE A 68 -21.97 -22.40 -1.70
N ASN A 69 -21.43 -23.61 -1.69
CA ASN A 69 -20.38 -23.95 -0.73
C ASN A 69 -19.00 -24.10 -1.36
N ASP A 70 -18.06 -23.31 -0.87
CA ASP A 70 -16.65 -23.45 -1.24
C ASP A 70 -16.40 -23.34 -2.75
N LEU A 71 -17.07 -22.38 -3.39
CA LEU A 71 -16.83 -22.12 -4.81
C LEU A 71 -15.47 -21.47 -5.02
N LYS A 72 -14.79 -21.86 -6.08
CA LYS A 72 -13.51 -21.24 -6.43
C LYS A 72 -13.76 -19.84 -6.97
N ALA A 73 -12.75 -18.98 -6.84
CA ALA A 73 -12.88 -17.58 -7.25
C ALA A 73 -13.67 -17.42 -8.56
N GLU A 74 -13.24 -18.13 -9.59
CA GLU A 74 -13.88 -17.97 -10.91
C GLU A 74 -15.29 -18.56 -10.96
N GLU A 75 -15.51 -19.65 -10.24
CA GLU A 75 -16.86 -20.19 -10.10
C GLU A 75 -17.77 -19.15 -9.45
N LEU A 76 -17.30 -18.61 -8.33
CA LEU A 76 -18.06 -17.61 -7.58
C LEU A 76 -18.36 -16.40 -8.44
N LEU A 77 -17.31 -15.79 -9.00
CA LEU A 77 -17.46 -14.66 -9.91
C LEU A 77 -18.48 -14.97 -11.00
N LEU A 78 -18.29 -16.09 -11.68
CA LEU A 78 -19.17 -16.52 -12.75
C LEU A 78 -20.62 -16.56 -12.29
N LYS A 79 -20.83 -17.10 -11.09
CA LYS A 79 -22.18 -17.27 -10.57
C LYS A 79 -22.83 -15.94 -10.19
N ILE A 80 -22.11 -15.09 -9.46
CA ILE A 80 -22.66 -13.81 -9.06
C ILE A 80 -22.91 -12.92 -10.29
N HIS A 81 -22.04 -13.03 -11.29
CA HIS A 81 -22.21 -12.26 -12.52
C HIS A 81 -23.52 -12.61 -13.23
N GLU A 82 -23.93 -13.86 -13.12
CA GLU A 82 -25.19 -14.30 -13.71
C GLU A 82 -26.35 -13.62 -13.00
N VAL A 83 -26.33 -13.69 -11.67
CA VAL A 83 -27.39 -13.11 -10.85
C VAL A 83 -27.51 -11.61 -11.07
N SER A 84 -26.44 -10.97 -11.54
CA SER A 84 -26.46 -9.55 -11.82
C SER A 84 -26.97 -9.26 -13.23
N THR A 85 -26.97 -10.27 -14.09
CA THR A 85 -27.40 -10.09 -15.47
C THR A 85 -28.74 -10.74 -15.78
N VAL A 86 -29.46 -11.15 -14.74
CA VAL A 86 -30.84 -11.58 -14.90
C VAL A 86 -31.73 -10.47 -14.36
N SER A 87 -33.01 -10.51 -14.69
CA SER A 87 -33.94 -9.45 -14.30
C SER A 87 -34.27 -9.49 -12.81
N HIS A 88 -34.25 -8.34 -12.17
CA HIS A 88 -34.75 -8.18 -10.81
C HIS A 88 -35.91 -7.20 -10.84
N ALA A 89 -36.30 -6.80 -12.04
CA ALA A 89 -37.41 -5.87 -12.23
C ALA A 89 -38.64 -6.44 -11.55
N ASP A 90 -38.60 -7.74 -11.29
CA ASP A 90 -39.71 -8.51 -10.74
C ASP A 90 -39.72 -8.45 -9.23
N ALA A 91 -38.64 -7.91 -8.64
CA ALA A 91 -38.40 -8.06 -7.20
C ALA A 91 -38.23 -6.75 -6.43
N ASP A 92 -38.29 -6.85 -5.11
CA ASP A 92 -38.15 -5.70 -4.22
C ASP A 92 -36.70 -5.28 -4.04
N CYS A 93 -35.81 -6.26 -3.93
CA CYS A 93 -34.44 -5.99 -3.55
C CYS A 93 -33.51 -7.16 -3.83
N PHE A 94 -32.29 -7.06 -3.35
CA PHE A 94 -31.30 -8.11 -3.52
C PHE A 94 -30.41 -8.24 -2.28
N VAL A 95 -30.12 -9.49 -1.91
CA VAL A 95 -29.29 -9.77 -0.74
C VAL A 95 -28.14 -10.70 -1.12
N CYS A 96 -26.95 -10.39 -0.61
CA CYS A 96 -25.79 -11.24 -0.83
C CYS A 96 -24.98 -11.39 0.44
N VAL A 97 -24.74 -12.64 0.84
CA VAL A 97 -24.03 -12.92 2.08
C VAL A 97 -22.69 -13.59 1.79
N PHE A 98 -21.66 -13.16 2.51
CA PHE A 98 -20.34 -13.77 2.39
C PHE A 98 -19.87 -14.33 3.73
N LEU A 99 -19.66 -15.64 3.77
CA LEU A 99 -19.19 -16.31 4.98
C LEU A 99 -17.85 -16.98 4.71
N SER A 100 -16.77 -16.25 4.96
CA SER A 100 -15.43 -16.74 4.65
C SER A 100 -14.38 -15.99 5.46
N HIS A 101 -13.11 -16.20 5.09
CA HIS A 101 -12.04 -15.37 5.59
C HIS A 101 -11.89 -14.16 4.68
N GLY A 102 -11.23 -13.13 5.16
CA GLY A 102 -11.04 -11.92 4.37
C GLY A 102 -9.91 -11.07 4.88
N GLU A 103 -9.48 -10.11 4.08
CA GLU A 103 -8.40 -9.21 4.46
C GLU A 103 -8.53 -7.92 3.65
N GLY A 104 -8.40 -6.78 4.35
CA GLY A 104 -8.50 -5.48 3.69
C GLY A 104 -9.75 -5.35 2.85
N ASN A 105 -9.56 -5.16 1.55
CA ASN A 105 -10.66 -5.01 0.61
C ASN A 105 -11.10 -6.33 0.03
N HIS A 106 -10.38 -7.39 0.39
CA HIS A 106 -10.59 -8.68 -0.26
C HIS A 106 -11.33 -9.68 0.62
N ILE A 107 -12.07 -10.55 -0.04
CA ILE A 107 -12.68 -11.70 0.60
C ILE A 107 -12.12 -12.93 -0.06
N TYR A 108 -12.18 -14.06 0.64
CA TYR A 108 -11.58 -15.28 0.12
C TYR A 108 -12.59 -16.25 -0.47
N ALA A 109 -12.38 -16.55 -1.75
CA ALA A 109 -13.03 -17.68 -2.36
C ALA A 109 -12.10 -18.88 -2.13
N TYR A 110 -12.58 -20.09 -2.38
CA TYR A 110 -11.81 -21.28 -2.04
C TYR A 110 -10.30 -21.18 -2.32
N ASP A 111 -9.94 -20.61 -3.46
CA ASP A 111 -8.55 -20.66 -3.91
C ASP A 111 -7.90 -19.30 -4.18
N ALA A 112 -8.68 -18.23 -4.14
CA ALA A 112 -8.15 -16.91 -4.47
C ALA A 112 -8.92 -15.79 -3.78
N LYS A 113 -8.28 -14.63 -3.70
CA LYS A 113 -8.91 -13.43 -3.14
C LYS A 113 -9.75 -12.73 -4.19
N ILE A 114 -10.88 -12.18 -3.78
CA ILE A 114 -11.71 -11.38 -4.66
C ILE A 114 -11.97 -10.02 -4.03
N GLU A 115 -11.80 -8.96 -4.81
CA GLU A 115 -12.05 -7.61 -4.30
C GLU A 115 -13.54 -7.36 -4.12
N ILE A 116 -13.94 -7.09 -2.88
CA ILE A 116 -15.33 -6.81 -2.57
C ILE A 116 -15.95 -5.81 -3.55
N GLN A 117 -15.20 -4.75 -3.86
CA GLN A 117 -15.70 -3.71 -4.75
C GLN A 117 -16.08 -4.21 -6.15
N THR A 118 -15.47 -5.30 -6.58
CA THR A 118 -15.77 -5.86 -7.90
C THR A 118 -16.96 -6.80 -7.80
N LEU A 119 -17.35 -7.11 -6.57
CA LEU A 119 -18.51 -7.94 -6.32
C LEU A 119 -19.77 -7.10 -6.22
N THR A 120 -19.67 -5.97 -5.53
CA THR A 120 -20.77 -5.05 -5.39
C THR A 120 -20.97 -4.26 -6.67
N GLY A 121 -19.88 -3.97 -7.37
CA GLY A 121 -19.92 -3.18 -8.59
C GLY A 121 -20.84 -3.77 -9.64
N LEU A 122 -20.98 -5.09 -9.63
CA LEU A 122 -21.82 -5.79 -10.59
C LEU A 122 -23.29 -5.38 -10.46
N PHE A 123 -23.65 -4.85 -9.29
CA PHE A 123 -25.05 -4.55 -9.01
C PHE A 123 -25.35 -3.05 -8.96
N LYS A 124 -24.36 -2.24 -9.29
CA LYS A 124 -24.56 -0.79 -9.32
C LYS A 124 -25.57 -0.39 -10.40
N GLY A 125 -26.04 0.85 -10.33
CA GLY A 125 -27.16 1.31 -11.14
C GLY A 125 -27.01 1.19 -12.65
N ASP A 126 -25.78 1.15 -13.14
CA ASP A 126 -25.51 1.14 -14.57
C ASP A 126 -25.33 -0.27 -15.12
N LYS A 127 -24.78 -1.16 -14.28
CA LYS A 127 -24.55 -2.54 -14.69
C LYS A 127 -25.78 -3.40 -14.40
N CYS A 128 -26.68 -2.87 -13.59
CA CYS A 128 -27.89 -3.61 -13.23
C CYS A 128 -29.10 -2.67 -13.13
N HIS A 129 -29.65 -2.28 -14.27
CA HIS A 129 -30.76 -1.35 -14.33
C HIS A 129 -31.97 -1.77 -13.49
N SER A 130 -32.23 -3.07 -13.43
CA SER A 130 -33.44 -3.57 -12.78
C SER A 130 -33.35 -3.59 -11.25
N LEU A 131 -32.27 -3.05 -10.71
CA LEU A 131 -32.14 -2.88 -9.27
C LEU A 131 -31.95 -1.41 -8.93
N VAL A 132 -31.97 -0.56 -9.94
CA VAL A 132 -31.86 0.88 -9.73
C VAL A 132 -33.02 1.38 -8.88
N GLY A 133 -32.70 1.90 -7.70
CA GLY A 133 -33.72 2.40 -6.79
C GLY A 133 -34.13 1.35 -5.78
N LYS A 134 -33.58 0.15 -5.91
CA LYS A 134 -33.91 -0.94 -5.00
C LYS A 134 -32.74 -1.25 -4.07
N PRO A 135 -33.06 -1.59 -2.81
CA PRO A 135 -32.05 -1.91 -1.79
C PRO A 135 -31.16 -3.08 -2.20
N LYS A 136 -29.85 -2.85 -2.19
CA LYS A 136 -28.88 -3.90 -2.46
C LYS A 136 -28.08 -4.14 -1.19
N ILE A 137 -28.33 -5.29 -0.56
CA ILE A 137 -27.83 -5.54 0.79
C ILE A 137 -26.77 -6.64 0.86
N PHE A 138 -25.55 -6.26 1.20
CA PHE A 138 -24.47 -7.22 1.39
C PHE A 138 -24.19 -7.45 2.86
N ILE A 139 -24.18 -8.72 3.27
CA ILE A 139 -23.87 -9.09 4.64
C ILE A 139 -22.59 -9.91 4.69
N ILE A 140 -21.62 -9.41 5.45
CA ILE A 140 -20.29 -10.02 5.44
C ILE A 140 -19.81 -10.50 6.82
N GLN A 141 -19.75 -11.82 6.97
CA GLN A 141 -19.13 -12.44 8.13
C GLN A 141 -17.77 -12.98 7.69
N ALA A 142 -16.73 -12.17 7.89
CA ALA A 142 -15.39 -12.52 7.41
C ALA A 142 -14.32 -11.89 8.29
N ALA A 143 -13.35 -12.70 8.71
CA ALA A 143 -12.24 -12.21 9.51
C ALA A 143 -10.95 -12.94 9.17
N ARG A 144 -9.91 -12.70 9.98
CA ARG A 144 -8.61 -13.32 9.77
C ARG A 144 -8.42 -14.51 10.72
N GLY A 145 -8.15 -15.68 10.15
CA GLY A 145 -7.93 -16.87 10.94
C GLY A 145 -6.57 -16.89 11.61
N ASN A 146 -6.38 -17.81 12.54
CA ASN A 146 -5.11 -17.92 13.26
C ASN A 146 -4.23 -19.05 12.70
N THR A 167 -18.28 -31.28 20.34
CA THR A 167 -18.40 -30.22 21.35
C THR A 167 -18.34 -28.84 20.73
N ASN A 168 -18.77 -27.85 21.49
CA ASN A 168 -18.81 -26.48 21.00
C ASN A 168 -17.60 -25.65 21.47
N ILE A 169 -16.83 -25.15 20.52
CA ILE A 169 -15.68 -24.29 20.82
C ILE A 169 -15.90 -22.90 20.23
N THR A 170 -15.52 -21.87 20.97
CA THR A 170 -15.58 -20.51 20.46
C THR A 170 -14.22 -20.09 19.93
N GLU A 171 -14.13 -19.94 18.61
CA GLU A 171 -12.91 -19.42 17.99
C GLU A 171 -12.97 -17.90 17.94
N VAL A 172 -11.82 -17.26 18.14
CA VAL A 172 -11.75 -15.81 18.12
C VAL A 172 -10.83 -15.34 17.01
N ASP A 173 -11.36 -14.49 16.14
CA ASP A 173 -10.60 -13.97 15.01
C ASP A 173 -10.58 -12.45 15.00
N ALA A 174 -9.42 -11.88 14.68
CA ALA A 174 -9.29 -10.44 14.66
C ALA A 174 -9.91 -9.85 13.40
N ALA A 175 -10.57 -8.72 13.54
CA ALA A 175 -11.13 -8.02 12.39
C ALA A 175 -10.07 -7.84 11.33
N SER A 176 -10.43 -8.04 10.07
CA SER A 176 -9.49 -7.87 8.97
C SER A 176 -10.11 -7.13 7.80
N VAL A 177 -11.37 -7.46 7.49
CA VAL A 177 -12.07 -6.87 6.36
C VAL A 177 -12.47 -5.42 6.62
N TYR A 178 -11.97 -4.51 5.78
CA TYR A 178 -12.35 -3.10 5.87
C TYR A 178 -13.87 -2.97 5.78
N THR A 179 -14.46 -2.24 6.73
CA THR A 179 -15.90 -2.04 6.75
C THR A 179 -16.29 -0.89 5.84
N LEU A 180 -16.14 -1.11 4.54
CA LEU A 180 -16.42 -0.08 3.55
C LEU A 180 -17.86 -0.15 3.05
N PRO A 181 -18.33 0.92 2.39
CA PRO A 181 -19.58 0.96 1.64
C PRO A 181 -19.31 0.85 0.12
N ALA A 182 -20.35 0.82 -0.70
CA ALA A 182 -20.14 0.62 -2.14
C ALA A 182 -20.88 1.60 -3.07
N GLY A 183 -22.20 1.72 -2.95
CA GLY A 183 -22.95 2.58 -3.86
C GLY A 183 -24.31 3.03 -3.37
N ALA A 184 -24.96 3.90 -4.13
CA ALA A 184 -26.28 4.39 -3.75
C ALA A 184 -27.22 3.20 -3.55
N ASP A 185 -28.06 3.29 -2.52
CA ASP A 185 -29.01 2.23 -2.20
C ASP A 185 -28.32 0.90 -1.86
N PHE A 186 -27.02 0.98 -1.57
CA PHE A 186 -26.30 -0.18 -1.06
C PHE A 186 -26.27 -0.14 0.47
N LEU A 187 -26.31 -1.31 1.08
CA LEU A 187 -26.21 -1.42 2.53
C LEU A 187 -25.23 -2.53 2.89
N MET A 188 -24.07 -2.14 3.40
CA MET A 188 -23.03 -3.10 3.76
C MET A 188 -23.08 -3.39 5.25
N CYS A 189 -23.29 -4.66 5.60
CA CYS A 189 -23.39 -5.07 6.99
C CYS A 189 -22.19 -5.91 7.40
N TYR A 190 -21.49 -5.47 8.44
CA TYR A 190 -20.24 -6.11 8.85
C TYR A 190 -20.30 -6.75 10.23
N SER A 191 -19.74 -7.95 10.34
CA SER A 191 -19.77 -8.72 11.58
C SER A 191 -18.94 -8.08 12.68
N VAL A 192 -17.96 -7.27 12.28
CA VAL A 192 -17.02 -6.70 13.25
C VAL A 192 -16.21 -5.56 12.62
N ALA A 193 -15.86 -4.58 13.45
CA ALA A 193 -15.10 -3.42 12.97
C ALA A 193 -13.65 -3.47 13.46
N GLU A 194 -12.81 -2.61 12.86
CA GLU A 194 -11.38 -2.60 13.16
C GLU A 194 -11.10 -2.44 14.65
N GLY A 195 -10.20 -3.28 15.17
CA GLY A 195 -9.81 -3.20 16.56
C GLY A 195 -10.62 -4.15 17.44
N TYR A 196 -11.58 -4.83 16.83
CA TYR A 196 -12.40 -5.78 17.56
C TYR A 196 -12.23 -7.19 17.00
N TYR A 197 -12.88 -8.16 17.65
CA TYR A 197 -12.72 -9.55 17.27
C TYR A 197 -14.06 -10.24 16.99
N SER A 198 -14.07 -11.05 15.94
CA SER A 198 -15.25 -11.85 15.60
C SER A 198 -15.21 -13.18 16.34
N HIS A 199 -16.38 -13.77 16.59
CA HIS A 199 -16.46 -15.05 17.29
C HIS A 199 -17.31 -16.05 16.52
N ARG A 200 -16.87 -17.30 16.53
CA ARG A 200 -17.64 -18.38 15.90
C ARG A 200 -17.65 -19.63 16.76
N GLU A 201 -18.82 -20.03 17.21
CA GLU A 201 -18.99 -21.31 17.88
C GLU A 201 -19.03 -22.39 16.81
N THR A 202 -18.42 -23.54 17.10
CA THR A 202 -18.28 -24.59 16.10
C THR A 202 -19.58 -25.32 15.80
N VAL A 203 -20.57 -25.18 16.67
CA VAL A 203 -21.85 -25.85 16.49
C VAL A 203 -22.98 -24.85 16.22
N ASN A 204 -23.01 -23.78 17.00
CA ASN A 204 -24.08 -22.79 16.89
C ASN A 204 -23.80 -21.70 15.87
N GLY A 205 -22.55 -21.59 15.44
CA GLY A 205 -22.17 -20.62 14.44
C GLY A 205 -21.60 -19.34 15.00
N SER A 206 -21.64 -18.27 14.19
CA SER A 206 -21.04 -16.99 14.58
C SER A 206 -22.00 -16.14 15.43
N TRP A 207 -21.43 -15.43 16.40
CA TRP A 207 -22.22 -14.53 17.23
C TRP A 207 -23.02 -13.55 16.39
N TYR A 208 -22.35 -12.90 15.44
CA TYR A 208 -23.00 -11.95 14.56
C TYR A 208 -24.17 -12.61 13.84
N ILE A 209 -23.91 -13.73 13.17
CA ILE A 209 -24.94 -14.44 12.44
C ILE A 209 -26.07 -14.89 13.37
N GLN A 210 -25.73 -15.60 14.44
CA GLN A 210 -26.71 -16.03 15.42
C GLN A 210 -27.64 -14.89 15.81
N ASP A 211 -27.05 -13.80 16.29
CA ASP A 211 -27.82 -12.65 16.74
C ASP A 211 -28.64 -12.00 15.63
N LEU A 212 -28.04 -11.88 14.44
CA LEU A 212 -28.74 -11.32 13.29
C LEU A 212 -29.96 -12.16 12.95
N CYS A 213 -29.78 -13.48 12.97
CA CYS A 213 -30.87 -14.39 12.64
C CYS A 213 -31.96 -14.42 13.71
N GLU A 214 -31.59 -14.17 14.96
CA GLU A 214 -32.59 -14.13 16.02
C GLU A 214 -33.46 -12.88 15.91
N MET A 215 -32.84 -11.76 15.54
CA MET A 215 -33.57 -10.53 15.35
C MET A 215 -34.47 -10.62 14.13
N LEU A 216 -34.01 -11.34 13.11
CA LEU A 216 -34.80 -11.55 11.90
C LEU A 216 -36.06 -12.37 12.20
N GLY A 217 -35.89 -13.44 12.96
CA GLY A 217 -37.01 -14.28 13.33
C GLY A 217 -38.11 -13.53 14.06
N LYS A 218 -37.71 -12.67 15.00
CA LYS A 218 -38.68 -11.95 15.82
C LYS A 218 -39.18 -10.66 15.16
N TYR A 219 -38.27 -9.87 14.62
CA TYR A 219 -38.60 -8.51 14.19
C TYR A 219 -38.38 -8.25 12.69
N GLY A 220 -37.89 -9.26 11.98
CA GLY A 220 -37.57 -9.11 10.57
C GLY A 220 -38.70 -8.55 9.72
N SER A 221 -39.93 -8.97 9.99
CA SER A 221 -41.07 -8.58 9.15
C SER A 221 -41.82 -7.37 9.69
N SER A 222 -41.22 -6.66 10.65
CA SER A 222 -41.87 -5.51 11.26
C SER A 222 -40.97 -4.29 11.34
N LEU A 223 -39.74 -4.50 11.82
CA LEU A 223 -38.82 -3.39 12.07
C LEU A 223 -38.13 -2.88 10.82
N GLU A 224 -37.85 -1.57 10.81
CA GLU A 224 -37.03 -0.97 9.77
C GLU A 224 -35.67 -1.64 9.85
N PHE A 225 -35.15 -2.07 8.70
CA PHE A 225 -34.01 -2.98 8.68
C PHE A 225 -32.73 -2.44 9.32
N THR A 226 -32.47 -1.15 9.20
CA THR A 226 -31.28 -0.58 9.84
C THR A 226 -31.45 -0.50 11.36
N GLU A 227 -32.67 -0.22 11.80
CA GLU A 227 -32.98 -0.24 13.22
C GLU A 227 -32.73 -1.63 13.78
N LEU A 228 -33.04 -2.63 12.98
CA LEU A 228 -32.87 -4.03 13.38
C LEU A 228 -31.38 -4.38 13.52
N LEU A 229 -30.58 -3.94 12.55
CA LEU A 229 -29.14 -4.15 12.61
C LEU A 229 -28.56 -3.46 13.85
N THR A 230 -29.14 -2.32 14.20
CA THR A 230 -28.75 -1.60 15.40
C THR A 230 -29.01 -2.49 16.62
N LEU A 231 -30.12 -3.21 16.58
CA LEU A 231 -30.41 -4.19 17.62
C LEU A 231 -29.32 -5.25 17.65
N VAL A 232 -28.86 -5.68 16.47
CA VAL A 232 -27.79 -6.66 16.39
C VAL A 232 -26.49 -6.08 16.95
N ASN A 233 -26.20 -4.82 16.66
CA ASN A 233 -25.05 -4.14 17.22
C ASN A 233 -25.01 -4.31 18.73
N ARG A 234 -26.15 -4.06 19.37
CA ARG A 234 -26.24 -4.14 20.83
C ARG A 234 -26.11 -5.57 21.32
N LYS A 235 -26.89 -6.47 20.74
CA LYS A 235 -26.91 -7.86 21.15
C LYS A 235 -25.51 -8.47 21.12
N VAL A 236 -24.77 -8.21 20.06
CA VAL A 236 -23.42 -8.74 19.92
C VAL A 236 -22.44 -8.05 20.88
N SER A 237 -22.50 -6.73 20.93
CA SER A 237 -21.59 -5.95 21.77
C SER A 237 -21.75 -6.29 23.26
N GLN A 238 -22.94 -6.77 23.63
CA GLN A 238 -23.21 -7.10 25.02
C GLN A 238 -22.80 -8.53 25.36
N ARG A 239 -22.41 -9.29 24.34
CA ARG A 239 -21.92 -10.65 24.55
C ARG A 239 -20.55 -10.64 25.22
N ARG A 240 -20.46 -11.31 26.36
CA ARG A 240 -19.17 -11.56 27.01
C ARG A 240 -18.88 -13.05 26.94
N VAL A 241 -17.70 -13.45 27.37
CA VAL A 241 -17.41 -14.86 27.58
C VAL A 241 -17.36 -15.15 29.06
N ASP A 242 -17.05 -16.40 29.39
CA ASP A 242 -16.93 -16.83 30.77
C ASP A 242 -15.47 -17.10 31.05
N PHE A 243 -14.92 -16.54 32.10
CA PHE A 243 -13.50 -16.38 32.20
C PHE A 243 -12.77 -17.70 31.96
N CYS A 244 -13.47 -18.81 32.17
CA CYS A 244 -12.81 -20.10 32.13
C CYS A 244 -12.90 -20.89 30.83
N LYS A 245 -13.81 -20.47 29.95
CA LYS A 245 -13.93 -21.14 28.65
C LYS A 245 -12.61 -21.09 27.89
N ASP A 246 -11.95 -19.93 27.95
CA ASP A 246 -10.63 -19.77 27.35
C ASP A 246 -9.84 -18.67 28.05
N PRO A 247 -8.60 -19.01 28.46
CA PRO A 247 -7.53 -18.11 28.91
C PRO A 247 -7.10 -17.02 27.91
N SER A 248 -7.26 -17.26 26.61
CA SER A 248 -6.76 -16.29 25.63
C SER A 248 -7.84 -15.46 24.94
N ALA A 249 -8.98 -15.30 25.59
CA ALA A 249 -10.13 -14.66 24.97
C ALA A 249 -10.85 -13.69 25.89
N ILE A 250 -10.26 -13.42 27.05
CA ILE A 250 -10.82 -12.44 27.98
C ILE A 250 -10.70 -11.04 27.40
N GLY A 251 -11.81 -10.32 27.38
CA GLY A 251 -11.82 -8.95 26.90
C GLY A 251 -11.52 -8.77 25.42
N LYS A 252 -11.94 -9.74 24.61
CA LYS A 252 -11.89 -9.59 23.16
C LYS A 252 -13.30 -9.38 22.62
N LYS A 253 -13.87 -8.22 22.95
CA LYS A 253 -15.25 -7.89 22.61
C LYS A 253 -15.49 -7.81 21.11
N GLN A 254 -16.73 -8.04 20.70
CA GLN A 254 -17.12 -7.96 19.30
C GLN A 254 -18.14 -6.85 19.08
N VAL A 255 -17.78 -5.89 18.23
CA VAL A 255 -18.70 -4.81 17.88
C VAL A 255 -18.90 -4.77 16.37
N PRO A 256 -20.07 -5.24 15.91
CA PRO A 256 -20.37 -5.21 14.48
C PRO A 256 -20.64 -3.79 14.04
N CYS A 257 -20.81 -3.59 12.74
CA CYS A 257 -21.21 -2.27 12.24
C CYS A 257 -21.86 -2.41 10.88
N PHE A 258 -22.43 -1.32 10.38
CA PHE A 258 -22.99 -1.32 9.04
C PHE A 258 -22.83 0.04 8.39
N ALA A 259 -22.53 0.03 7.09
CA ALA A 259 -22.36 1.24 6.31
C ALA A 259 -23.55 1.42 5.38
N SER A 260 -24.40 2.41 5.68
CA SER A 260 -25.61 2.62 4.91
C SER A 260 -25.45 3.65 3.80
N MET A 261 -25.95 3.31 2.62
CA MET A 261 -25.98 4.21 1.49
C MET A 261 -27.43 4.34 1.04
N LEU A 262 -28.32 3.72 1.79
CA LEU A 262 -29.74 3.72 1.47
C LEU A 262 -30.32 5.13 1.46
N THR A 263 -31.37 5.32 0.68
CA THR A 263 -31.98 6.65 0.53
C THR A 263 -33.41 6.71 1.05
N LYS A 264 -33.89 5.60 1.61
CA LYS A 264 -35.25 5.52 2.15
C LYS A 264 -35.34 4.54 3.32
N LYS A 265 -36.55 4.33 3.83
CA LYS A 265 -36.79 3.36 4.89
C LYS A 265 -36.95 1.95 4.30
N LEU A 266 -36.45 0.95 5.01
CA LEU A 266 -36.51 -0.43 4.54
C LEU A 266 -37.25 -1.37 5.48
N HIS A 267 -38.43 -1.82 5.05
CA HIS A 267 -39.19 -2.80 5.81
C HIS A 267 -39.36 -4.09 5.01
N PHE A 268 -39.52 -5.19 5.72
CA PHE A 268 -39.81 -6.47 5.08
C PHE A 268 -41.15 -7.02 5.54
N PHE A 269 -42.15 -6.15 5.62
CA PHE A 269 -43.51 -6.61 5.88
C PHE A 269 -43.81 -7.76 4.95
N PRO A 270 -44.59 -8.74 5.44
CA PRO A 270 -44.94 -9.91 4.63
C PRO A 270 -45.65 -9.52 3.34
N LYS A 271 -45.35 -10.24 2.26
CA LYS A 271 -45.99 -10.00 0.99
C LYS A 271 -47.26 -10.83 0.87
N SER A 272 -48.21 -10.35 0.08
CA SER A 272 -49.48 -11.06 -0.10
C SER A 272 -49.32 -12.27 -1.01
N MET B 10 -36.24 -9.87 28.55
CA MET B 10 -34.96 -9.18 28.65
C MET B 10 -34.84 -8.03 27.66
N PHE B 11 -34.93 -8.36 26.38
CA PHE B 11 -34.55 -7.45 25.30
C PHE B 11 -35.67 -6.53 24.84
N ASP B 12 -35.33 -5.27 24.58
CA ASP B 12 -36.31 -4.27 24.19
C ASP B 12 -35.90 -3.56 22.89
N PRO B 13 -36.54 -3.95 21.77
CA PRO B 13 -36.26 -3.32 20.47
C PRO B 13 -36.53 -1.82 20.49
N ALA B 14 -37.40 -1.37 21.41
CA ALA B 14 -37.74 0.04 21.50
C ALA B 14 -36.66 0.84 22.23
N GLU B 15 -35.70 0.13 22.83
CA GLU B 15 -34.69 0.75 23.67
C GLU B 15 -34.00 1.95 23.00
N LYS B 16 -33.75 2.98 23.79
CA LYS B 16 -33.31 4.27 23.27
C LYS B 16 -32.24 4.89 24.16
N TYR B 17 -31.35 5.69 23.56
CA TYR B 17 -30.32 6.38 24.32
C TYR B 17 -30.95 7.34 25.33
N LYS B 18 -30.50 7.26 26.57
CA LYS B 18 -31.02 8.13 27.63
C LYS B 18 -30.60 9.58 27.39
N MET B 19 -31.55 10.40 26.97
CA MET B 19 -31.26 11.77 26.57
C MET B 19 -31.91 12.81 27.48
N ASP B 20 -31.84 12.59 28.79
CA ASP B 20 -32.47 13.51 29.73
C ASP B 20 -31.48 14.15 30.70
N HIS B 21 -30.20 14.14 30.34
CA HIS B 21 -29.17 14.81 31.15
C HIS B 21 -29.38 16.32 31.06
N ARG B 22 -28.87 17.06 32.04
CA ARG B 22 -29.08 18.51 32.08
C ARG B 22 -28.51 19.23 30.86
N ARG B 23 -27.52 18.63 30.23
CA ARG B 23 -26.96 19.19 29.01
C ARG B 23 -27.03 18.18 27.86
N ARG B 24 -27.16 18.69 26.64
CA ARG B 24 -27.15 17.84 25.46
C ARG B 24 -25.74 17.33 25.20
N GLY B 25 -24.76 18.21 25.39
CA GLY B 25 -23.37 17.86 25.14
C GLY B 25 -22.68 18.87 24.27
N ILE B 26 -21.43 18.58 23.90
CA ILE B 26 -20.62 19.50 23.12
C ILE B 26 -20.62 19.14 21.63
N ALA B 27 -20.71 20.17 20.79
CA ALA B 27 -20.57 19.99 19.35
C ALA B 27 -19.33 20.74 18.86
N LEU B 28 -18.23 20.01 18.70
CA LEU B 28 -17.00 20.58 18.18
C LEU B 28 -17.07 20.72 16.66
N ILE B 29 -16.58 21.85 16.16
CA ILE B 29 -16.45 22.03 14.72
C ILE B 29 -15.06 22.56 14.38
N PHE B 30 -14.34 21.80 13.55
CA PHE B 30 -13.03 22.24 13.09
C PHE B 30 -13.10 22.68 11.64
N ASN B 31 -13.13 24.00 11.44
CA ASN B 31 -13.30 24.58 10.12
C ASN B 31 -11.97 24.94 9.47
N HIS B 32 -11.73 24.42 8.27
CA HIS B 32 -10.48 24.68 7.58
C HIS B 32 -10.71 25.19 6.16
N GLU B 33 -10.33 26.46 5.94
CA GLU B 33 -10.58 27.13 4.67
C GLU B 33 -9.34 27.20 3.79
N ARG B 34 -8.18 27.43 4.40
CA ARG B 34 -6.92 27.48 3.68
C ARG B 34 -5.79 26.82 4.47
N PHE B 35 -4.69 26.53 3.79
CA PHE B 35 -3.63 25.72 4.40
C PHE B 35 -2.22 26.25 4.18
N PHE B 36 -1.27 25.58 4.83
CA PHE B 36 0.15 25.88 4.68
C PHE B 36 0.50 25.81 3.19
N TRP B 37 1.27 26.80 2.72
CA TRP B 37 1.56 26.92 1.30
C TRP B 37 2.15 25.64 0.70
N HIS B 38 3.08 25.03 1.40
CA HIS B 38 3.80 23.87 0.87
C HIS B 38 2.91 22.65 0.68
N LEU B 39 1.78 22.62 1.37
CA LEU B 39 0.83 21.52 1.21
C LEU B 39 0.16 21.59 -0.17
N THR B 40 0.20 22.78 -0.77
CA THR B 40 -0.42 23.02 -2.07
C THR B 40 -1.86 22.48 -2.12
N LEU B 41 -2.57 22.62 -1.01
CA LEU B 41 -3.99 22.29 -0.95
C LEU B 41 -4.80 23.54 -1.23
N PRO B 42 -5.74 23.45 -2.17
CA PRO B 42 -6.53 24.62 -2.60
C PRO B 42 -7.50 25.12 -1.52
N GLU B 43 -7.89 26.38 -1.62
CA GLU B 43 -8.84 26.99 -0.69
C GLU B 43 -10.19 26.28 -0.73
N ARG B 44 -10.80 26.12 0.43
CA ARG B 44 -12.14 25.56 0.52
C ARG B 44 -13.16 26.67 0.78
N ARG B 45 -13.30 27.58 -0.18
CA ARG B 45 -14.27 28.67 -0.08
C ARG B 45 -15.67 28.12 0.08
N GLY B 46 -16.43 28.70 0.99
CA GLY B 46 -17.79 28.26 1.25
C GLY B 46 -17.90 27.37 2.47
N THR B 47 -16.76 27.12 3.11
CA THR B 47 -16.74 26.30 4.31
C THR B 47 -17.24 27.08 5.53
N CYS B 48 -17.13 28.39 5.46
CA CYS B 48 -17.64 29.25 6.53
C CYS B 48 -19.16 29.19 6.57
N ALA B 49 -19.78 29.15 5.39
CA ALA B 49 -21.22 28.96 5.30
C ALA B 49 -21.60 27.64 5.97
N ASP B 50 -20.85 26.59 5.65
CA ASP B 50 -21.07 25.27 6.25
C ASP B 50 -20.94 25.33 7.77
N ARG B 51 -19.93 26.06 8.24
CA ARG B 51 -19.62 26.13 9.66
C ARG B 51 -20.74 26.80 10.46
N ASP B 52 -21.20 27.94 9.98
CA ASP B 52 -22.22 28.71 10.70
C ASP B 52 -23.60 28.07 10.61
N ASN B 53 -23.85 27.36 9.50
CA ASN B 53 -25.10 26.64 9.34
C ASN B 53 -25.20 25.52 10.36
N LEU B 54 -24.10 24.80 10.54
CA LEU B 54 -24.01 23.71 11.50
C LEU B 54 -24.09 24.22 12.94
N THR B 55 -23.36 25.30 13.21
CA THR B 55 -23.29 25.86 14.56
C THR B 55 -24.66 26.08 15.17
N ARG B 56 -25.57 26.66 14.39
CA ARG B 56 -26.88 27.05 14.89
C ARG B 56 -27.87 25.90 14.89
N ARG B 57 -27.80 25.05 13.88
CA ARG B 57 -28.67 23.90 13.81
C ARG B 57 -28.47 23.02 15.03
N PHE B 58 -27.20 22.83 15.39
CA PHE B 58 -26.86 22.04 16.57
C PHE B 58 -27.16 22.80 17.85
N SER B 59 -27.07 24.13 17.80
CA SER B 59 -27.46 24.95 18.93
C SER B 59 -28.96 24.79 19.21
N ASP B 60 -29.75 24.80 18.15
CA ASP B 60 -31.19 24.62 18.27
C ASP B 60 -31.52 23.23 18.84
N LEU B 61 -30.61 22.28 18.64
CA LEU B 61 -30.76 20.95 19.21
C LEU B 61 -30.26 20.92 20.66
N GLY B 62 -29.65 22.02 21.08
CA GLY B 62 -29.25 22.17 22.48
C GLY B 62 -27.77 21.95 22.75
N PHE B 63 -26.96 21.88 21.70
CA PHE B 63 -25.53 21.66 21.86
C PHE B 63 -24.78 22.95 22.22
N GLU B 64 -23.72 22.79 23.01
CA GLU B 64 -22.78 23.89 23.23
C GLU B 64 -21.75 23.83 22.12
N VAL B 65 -21.94 24.66 21.10
CA VAL B 65 -21.09 24.60 19.92
C VAL B 65 -19.77 25.34 20.11
N LYS B 66 -18.68 24.69 19.73
CA LYS B 66 -17.36 25.30 19.79
C LYS B 66 -16.68 25.19 18.43
N CYS B 67 -16.49 26.33 17.78
CA CYS B 67 -15.85 26.38 16.47
C CYS B 67 -14.39 26.79 16.58
N PHE B 68 -13.54 26.14 15.79
CA PHE B 68 -12.14 26.49 15.72
C PHE B 68 -11.73 26.61 14.26
N ASN B 69 -11.14 27.75 13.90
CA ASN B 69 -10.83 28.03 12.50
C ASN B 69 -9.36 27.88 12.15
N ASP B 70 -9.08 27.02 11.17
CA ASP B 70 -7.74 26.86 10.62
C ASP B 70 -6.67 26.61 11.69
N LEU B 71 -6.97 25.72 12.64
CA LEU B 71 -6.00 25.37 13.65
C LEU B 71 -4.86 24.55 13.06
N LYS B 72 -3.71 24.61 13.70
CA LYS B 72 -2.57 23.78 13.30
C LYS B 72 -2.67 22.45 14.02
N ALA B 73 -2.06 21.42 13.44
CA ALA B 73 -2.14 20.08 13.99
C ALA B 73 -1.89 20.05 15.50
N GLU B 74 -0.96 20.88 15.96
CA GLU B 74 -0.59 20.91 17.37
C GLU B 74 -1.69 21.50 18.25
N GLU B 75 -2.27 22.62 17.82
CA GLU B 75 -3.35 23.26 18.56
C GLU B 75 -4.59 22.38 18.56
N LEU B 76 -4.87 21.77 17.41
CA LEU B 76 -6.06 20.96 17.25
C LEU B 76 -6.05 19.74 18.18
N LEU B 77 -4.93 19.03 18.20
CA LEU B 77 -4.78 17.88 19.07
C LEU B 77 -4.86 18.27 20.54
N LEU B 78 -4.26 19.42 20.88
CA LEU B 78 -4.33 19.94 22.24
C LEU B 78 -5.77 20.25 22.63
N LYS B 79 -6.47 20.97 21.76
CA LYS B 79 -7.85 21.36 22.03
C LYS B 79 -8.78 20.15 22.15
N ILE B 80 -8.69 19.24 21.19
CA ILE B 80 -9.57 18.08 21.16
C ILE B 80 -9.25 17.09 22.29
N HIS B 81 -8.02 17.14 22.80
CA HIS B 81 -7.65 16.30 23.92
C HIS B 81 -8.28 16.82 25.21
N GLU B 82 -8.38 18.14 25.32
CA GLU B 82 -9.05 18.77 26.46
C GLU B 82 -10.51 18.35 26.52
N VAL B 83 -11.23 18.63 25.44
CA VAL B 83 -12.64 18.29 25.35
C VAL B 83 -12.88 16.85 25.76
N SER B 84 -11.96 15.97 25.38
CA SER B 84 -12.08 14.54 25.70
C SER B 84 -11.80 14.25 27.16
N THR B 85 -10.99 15.10 27.80
CA THR B 85 -10.61 14.88 29.20
C THR B 85 -11.54 15.56 30.19
N VAL B 86 -12.44 16.40 29.69
CA VAL B 86 -13.44 17.03 30.54
C VAL B 86 -14.57 16.03 30.82
N SER B 87 -15.28 16.22 31.93
CA SER B 87 -16.39 15.36 32.29
C SER B 87 -17.57 15.56 31.35
N HIS B 88 -18.16 14.46 30.90
CA HIS B 88 -19.34 14.50 30.05
C HIS B 88 -20.51 13.79 30.72
N ALA B 89 -20.38 13.57 32.03
CA ALA B 89 -21.37 12.82 32.78
C ALA B 89 -22.78 13.42 32.72
N ASP B 90 -22.85 14.74 32.71
CA ASP B 90 -24.14 15.42 32.67
C ASP B 90 -24.53 15.83 31.25
N ALA B 91 -23.99 15.12 30.27
CA ALA B 91 -24.28 15.40 28.87
C ALA B 91 -24.94 14.21 28.19
N ASP B 92 -25.78 14.48 27.21
CA ASP B 92 -26.47 13.43 26.47
C ASP B 92 -25.50 12.68 25.55
N CYS B 93 -24.64 13.43 24.88
CA CYS B 93 -23.77 12.85 23.86
C CYS B 93 -22.63 13.80 23.48
N PHE B 94 -21.88 13.42 22.47
CA PHE B 94 -20.78 14.23 21.97
C PHE B 94 -20.83 14.33 20.45
N VAL B 95 -20.55 15.53 19.93
CA VAL B 95 -20.51 15.75 18.49
C VAL B 95 -19.21 16.41 18.08
N CYS B 96 -18.60 15.90 17.02
CA CYS B 96 -17.36 16.48 16.48
C CYS B 96 -17.44 16.55 14.97
N VAL B 97 -17.21 17.74 14.42
CA VAL B 97 -17.32 17.97 12.99
C VAL B 97 -16.00 18.38 12.37
N PHE B 98 -15.66 17.77 11.24
CA PHE B 98 -14.45 18.11 10.51
C PHE B 98 -14.74 18.64 9.11
N LEU B 99 -14.41 19.91 8.89
CA LEU B 99 -14.53 20.52 7.57
C LEU B 99 -13.13 20.85 7.06
N SER B 100 -12.62 20.04 6.15
CA SER B 100 -11.26 20.20 5.67
C SER B 100 -10.97 19.32 4.47
N HIS B 101 -9.70 19.23 4.09
CA HIS B 101 -9.26 18.26 3.11
C HIS B 101 -8.81 17.01 3.87
N GLY B 102 -8.86 15.87 3.20
CA GLY B 102 -8.42 14.62 3.81
C GLY B 102 -7.88 13.63 2.80
N GLU B 103 -7.24 12.59 3.31
CA GLU B 103 -6.71 11.52 2.47
C GLU B 103 -6.78 10.23 3.27
N GLY B 104 -7.14 9.13 2.61
CA GLY B 104 -7.24 7.83 3.27
C GLY B 104 -7.65 7.93 4.72
N ASN B 105 -6.74 7.60 5.63
CA ASN B 105 -7.01 7.64 7.06
C ASN B 105 -6.69 9.00 7.69
N HIS B 106 -6.33 9.97 6.87
CA HIS B 106 -5.81 11.24 7.39
C HIS B 106 -6.66 12.46 7.04
N ILE B 107 -6.88 13.30 8.04
CA ILE B 107 -7.50 14.60 7.84
C ILE B 107 -6.41 15.67 7.94
N TYR B 108 -6.60 16.79 7.25
CA TYR B 108 -5.62 17.86 7.26
C TYR B 108 -5.98 18.98 8.22
N ALA B 109 -5.05 19.30 9.11
CA ALA B 109 -5.10 20.54 9.84
C ALA B 109 -4.25 21.55 9.07
N TYR B 110 -4.36 22.83 9.42
CA TYR B 110 -3.70 23.90 8.67
C TYR B 110 -2.32 23.56 8.08
N ASP B 111 -1.49 22.89 8.87
CA ASP B 111 -0.07 22.77 8.53
C ASP B 111 0.42 21.33 8.44
N ALA B 112 -0.43 20.39 8.81
CA ALA B 112 -0.05 18.99 8.77
C ALA B 112 -1.27 18.08 8.75
N LYS B 113 -1.04 16.77 8.81
CA LYS B 113 -2.13 15.80 8.74
C LYS B 113 -2.22 14.97 10.02
N ILE B 114 -3.45 14.66 10.42
CA ILE B 114 -3.69 13.87 11.62
C ILE B 114 -4.50 12.63 11.26
N GLU B 115 -4.13 11.49 11.83
CA GLU B 115 -4.94 10.29 11.66
C GLU B 115 -6.28 10.47 12.36
N ILE B 116 -7.35 10.21 11.62
CA ILE B 116 -8.70 10.37 12.15
C ILE B 116 -8.95 9.45 13.34
N GLN B 117 -8.37 8.26 13.30
CA GLN B 117 -8.49 7.31 14.40
C GLN B 117 -7.94 7.90 15.69
N THR B 118 -6.85 8.65 15.58
CA THR B 118 -6.23 9.29 16.75
C THR B 118 -7.22 10.27 17.39
N LEU B 119 -7.99 10.96 16.55
CA LEU B 119 -8.97 11.92 17.03
C LEU B 119 -10.16 11.20 17.67
N THR B 120 -10.81 10.33 16.91
CA THR B 120 -11.94 9.55 17.42
C THR B 120 -11.51 8.75 18.66
N GLY B 121 -10.30 8.23 18.62
CA GLY B 121 -9.78 7.37 19.67
C GLY B 121 -9.70 8.02 21.05
N LEU B 122 -9.83 9.34 21.09
CA LEU B 122 -9.79 10.06 22.34
C LEU B 122 -11.12 9.96 23.10
N PHE B 123 -12.11 9.35 22.48
CA PHE B 123 -13.45 9.34 23.04
C PHE B 123 -14.02 7.93 23.21
N LYS B 124 -13.17 6.92 23.11
CA LYS B 124 -13.61 5.54 23.30
C LYS B 124 -13.67 5.19 24.78
N GLY B 125 -14.23 4.03 25.13
CA GLY B 125 -14.62 3.77 26.52
C GLY B 125 -13.62 3.83 27.68
N ASP B 126 -12.42 3.29 27.53
CA ASP B 126 -11.39 3.45 28.55
C ASP B 126 -10.79 4.85 28.62
N LYS B 127 -10.82 5.55 27.50
CA LYS B 127 -10.18 6.86 27.39
C LYS B 127 -11.11 8.00 27.79
N CYS B 128 -12.40 7.75 27.71
CA CYS B 128 -13.40 8.74 28.06
C CYS B 128 -14.59 8.05 28.73
N HIS B 129 -14.50 7.90 30.05
CA HIS B 129 -15.51 7.17 30.81
C HIS B 129 -16.88 7.83 30.79
N SER B 130 -16.92 9.15 30.90
CA SER B 130 -18.18 9.88 30.99
C SER B 130 -18.98 9.87 29.68
N LEU B 131 -18.42 9.26 28.63
CA LEU B 131 -19.12 9.14 27.37
C LEU B 131 -19.52 7.70 27.05
N VAL B 132 -19.03 6.77 27.85
CA VAL B 132 -19.36 5.36 27.67
C VAL B 132 -20.87 5.16 27.67
N GLY B 133 -21.36 4.47 26.64
CA GLY B 133 -22.78 4.19 26.51
C GLY B 133 -23.54 5.31 25.82
N LYS B 134 -22.86 6.42 25.57
CA LYS B 134 -23.49 7.59 24.96
C LYS B 134 -23.05 7.76 23.51
N PRO B 135 -23.94 8.30 22.67
CA PRO B 135 -23.69 8.48 21.24
C PRO B 135 -22.50 9.38 20.97
N LYS B 136 -21.54 8.90 20.19
CA LYS B 136 -20.41 9.70 19.77
C LYS B 136 -20.47 9.90 18.26
N ILE B 137 -20.83 11.11 17.84
CA ILE B 137 -21.13 11.39 16.44
C ILE B 137 -20.08 12.26 15.77
N PHE B 138 -19.43 11.72 14.75
CA PHE B 138 -18.46 12.48 13.97
C PHE B 138 -18.98 12.76 12.57
N ILE B 139 -18.96 14.02 12.17
CA ILE B 139 -19.40 14.42 10.83
C ILE B 139 -18.21 14.91 10.02
N ILE B 140 -17.95 14.24 8.90
CA ILE B 140 -16.77 14.55 8.11
C ILE B 140 -17.09 15.02 6.70
N GLN B 141 -16.80 16.29 6.45
CA GLN B 141 -16.86 16.86 5.11
C GLN B 141 -15.42 17.06 4.63
N ALA B 142 -14.85 16.01 4.06
CA ALA B 142 -13.45 16.03 3.66
C ALA B 142 -13.26 15.33 2.33
N ALA B 143 -12.48 15.94 1.44
CA ALA B 143 -12.22 15.38 0.13
C ALA B 143 -10.81 15.73 -0.35
N ARG B 144 -10.55 15.48 -1.63
CA ARG B 144 -9.25 15.76 -2.21
C ARG B 144 -9.31 17.01 -3.06
N GLY B 145 -8.37 17.93 -2.82
CA GLY B 145 -8.26 19.13 -3.63
C GLY B 145 -8.00 18.74 -5.07
N ASN B 146 -8.50 19.56 -5.99
CA ASN B 146 -8.40 19.28 -7.41
C ASN B 146 -6.94 19.32 -7.87
N THR B 167 -19.65 35.84 -6.21
CA THR B 167 -19.94 34.97 -7.35
C THR B 167 -19.92 33.49 -6.96
N ASN B 168 -21.09 32.88 -6.93
CA ASN B 168 -21.24 31.51 -6.45
C ASN B 168 -20.87 30.46 -7.50
N ILE B 169 -19.81 29.71 -7.22
CA ILE B 169 -19.33 28.66 -8.12
C ILE B 169 -19.30 27.31 -7.42
N THR B 170 -19.70 26.26 -8.13
CA THR B 170 -19.71 24.92 -7.55
C THR B 170 -18.41 24.18 -7.86
N GLU B 171 -17.69 23.78 -6.82
CA GLU B 171 -16.46 23.03 -6.97
C GLU B 171 -16.67 21.54 -6.69
N VAL B 172 -15.94 20.71 -7.43
CA VAL B 172 -16.09 19.26 -7.32
C VAL B 172 -14.79 18.61 -6.87
N ASP B 173 -14.87 17.84 -5.79
CA ASP B 173 -13.71 17.12 -5.27
C ASP B 173 -13.98 15.62 -5.28
N ALA B 174 -12.95 14.83 -5.55
CA ALA B 174 -13.08 13.38 -5.55
C ALA B 174 -13.01 12.86 -4.12
N ALA B 175 -13.73 11.77 -3.83
CA ALA B 175 -13.69 11.15 -2.51
C ALA B 175 -12.26 10.71 -2.20
N SER B 176 -11.82 11.01 -0.98
CA SER B 176 -10.47 10.68 -0.53
C SER B 176 -10.41 9.91 0.79
N VAL B 177 -11.23 10.33 1.76
CA VAL B 177 -11.15 9.83 3.13
C VAL B 177 -11.89 8.51 3.28
N TYR B 178 -11.17 7.49 3.76
CA TYR B 178 -11.77 6.18 3.99
C TYR B 178 -12.94 6.31 4.95
N THR B 179 -14.09 5.79 4.54
CA THR B 179 -15.30 5.88 5.35
C THR B 179 -15.41 4.73 6.35
N LEU B 180 -14.55 4.75 7.35
CA LEU B 180 -14.55 3.71 8.36
C LEU B 180 -15.37 4.11 9.58
N PRO B 181 -15.65 3.13 10.45
CA PRO B 181 -16.18 3.26 11.81
C PRO B 181 -15.08 3.51 12.84
N ALA B 182 -15.45 3.74 14.09
CA ALA B 182 -14.49 4.10 15.12
C ALA B 182 -14.57 3.24 16.38
N GLY B 183 -15.78 2.87 16.77
CA GLY B 183 -15.96 2.05 17.97
C GLY B 183 -17.39 2.03 18.49
N ALA B 184 -17.59 1.34 19.61
CA ALA B 184 -18.90 1.19 20.20
C ALA B 184 -19.60 2.53 20.39
N ASP B 185 -20.84 2.61 19.89
CA ASP B 185 -21.66 3.82 20.03
C ASP B 185 -21.07 5.00 19.26
N PHE B 186 -20.22 4.71 18.29
CA PHE B 186 -19.73 5.73 17.36
C PHE B 186 -20.63 5.77 16.13
N LEU B 187 -20.96 6.98 15.69
CA LEU B 187 -21.68 7.18 14.45
C LEU B 187 -20.85 8.06 13.53
N MET B 188 -20.23 7.45 12.53
CA MET B 188 -19.38 8.18 11.59
C MET B 188 -20.17 8.61 10.36
N CYS B 189 -20.25 9.92 10.13
CA CYS B 189 -21.02 10.47 9.02
C CYS B 189 -20.11 11.04 7.94
N TYR B 190 -20.24 10.53 6.72
CA TYR B 190 -19.36 10.93 5.63
C TYR B 190 -20.07 11.62 4.47
N SER B 191 -19.55 12.78 4.08
CA SER B 191 -20.13 13.60 3.03
C SER B 191 -20.24 12.86 1.69
N VAL B 192 -19.25 12.01 1.41
CA VAL B 192 -19.19 11.32 0.13
C VAL B 192 -18.55 9.94 0.29
N ALA B 193 -18.94 9.00 -0.58
CA ALA B 193 -18.37 7.67 -0.56
C ALA B 193 -17.38 7.49 -1.70
N GLU B 194 -16.51 6.48 -1.57
CA GLU B 194 -15.49 6.21 -2.58
C GLU B 194 -16.10 6.05 -3.96
N GLY B 195 -15.45 6.63 -4.97
CA GLY B 195 -15.93 6.52 -6.33
C GLY B 195 -16.99 7.55 -6.65
N TYR B 196 -17.24 8.46 -5.72
CA TYR B 196 -18.18 9.55 -5.93
C TYR B 196 -17.51 10.89 -5.68
N TYR B 197 -18.25 11.98 -5.87
CA TYR B 197 -17.66 13.31 -5.82
C TYR B 197 -18.36 14.25 -4.86
N SER B 198 -17.58 14.95 -4.04
CA SER B 198 -18.11 15.95 -3.13
C SER B 198 -18.29 17.27 -3.87
N HIS B 199 -19.29 18.05 -3.46
CA HIS B 199 -19.54 19.34 -4.09
C HIS B 199 -19.62 20.45 -3.07
N ARG B 200 -19.02 21.59 -3.39
CA ARG B 200 -19.13 22.77 -2.54
C ARG B 200 -19.28 24.05 -3.35
N GLU B 201 -20.33 24.80 -3.04
CA GLU B 201 -20.55 26.09 -3.68
C GLU B 201 -19.89 27.18 -2.84
N THR B 202 -19.20 28.09 -3.51
CA THR B 202 -18.38 29.09 -2.84
C THR B 202 -19.16 30.02 -1.90
N VAL B 203 -20.47 30.10 -2.10
CA VAL B 203 -21.30 30.95 -1.25
C VAL B 203 -22.23 30.13 -0.36
N ASN B 204 -22.93 29.18 -0.96
CA ASN B 204 -23.94 28.41 -0.24
C ASN B 204 -23.35 27.31 0.66
N GLY B 205 -22.23 26.74 0.25
CA GLY B 205 -21.58 25.70 1.04
C GLY B 205 -21.71 24.32 0.43
N SER B 206 -21.15 23.33 1.12
CA SER B 206 -21.14 21.95 0.63
C SER B 206 -22.56 21.39 0.48
N TRP B 207 -22.76 20.61 -0.58
CA TRP B 207 -24.05 19.95 -0.80
C TRP B 207 -24.47 19.14 0.42
N TYR B 208 -23.53 18.37 0.94
CA TYR B 208 -23.78 17.51 2.10
C TYR B 208 -24.21 18.34 3.31
N ILE B 209 -23.40 19.32 3.68
CA ILE B 209 -23.67 20.15 4.85
C ILE B 209 -24.99 20.92 4.72
N GLN B 210 -25.25 21.46 3.54
CA GLN B 210 -26.51 22.16 3.28
C GLN B 210 -27.69 21.25 3.60
N ASP B 211 -27.75 20.11 2.90
CA ASP B 211 -28.86 19.18 3.04
C ASP B 211 -28.98 18.65 4.47
N LEU B 212 -27.85 18.32 5.08
CA LEU B 212 -27.85 17.87 6.47
C LEU B 212 -28.46 18.92 7.39
N CYS B 213 -28.07 20.18 7.18
CA CYS B 213 -28.59 21.28 8.00
C CYS B 213 -30.08 21.49 7.79
N GLU B 214 -30.53 21.42 6.55
CA GLU B 214 -31.96 21.56 6.25
C GLU B 214 -32.75 20.48 6.97
N MET B 215 -32.22 19.26 6.94
CA MET B 215 -32.88 18.14 7.61
C MET B 215 -32.83 18.30 9.12
N LEU B 216 -31.70 18.79 9.63
CA LEU B 216 -31.56 19.04 11.06
C LEU B 216 -32.57 20.10 11.51
N GLY B 217 -32.81 21.08 10.64
CA GLY B 217 -33.75 22.14 10.95
C GLY B 217 -35.19 21.67 10.98
N LYS B 218 -35.55 20.81 10.04
CA LYS B 218 -36.94 20.37 9.90
C LYS B 218 -37.29 19.13 10.72
N TYR B 219 -36.34 18.23 10.89
CA TYR B 219 -36.63 16.93 11.49
C TYR B 219 -35.67 16.52 12.60
N GLY B 220 -34.72 17.40 12.91
CA GLY B 220 -33.74 17.09 13.94
C GLY B 220 -34.36 16.74 15.28
N SER B 221 -35.42 17.46 15.64
CA SER B 221 -36.02 17.32 16.97
C SER B 221 -37.11 16.26 17.05
N SER B 222 -37.32 15.53 15.96
CA SER B 222 -38.38 14.53 15.91
C SER B 222 -37.93 13.18 15.35
N LEU B 223 -37.11 13.23 14.29
CA LEU B 223 -36.67 12.01 13.63
C LEU B 223 -35.52 11.32 14.35
N GLU B 224 -35.51 9.98 14.31
CA GLU B 224 -34.38 9.21 14.79
C GLU B 224 -33.21 9.53 13.89
N PHE B 225 -32.06 9.82 14.49
CA PHE B 225 -30.95 10.45 13.76
C PHE B 225 -30.48 9.71 12.50
N THR B 226 -30.39 8.39 12.55
CA THR B 226 -29.94 7.62 11.39
C THR B 226 -30.94 7.71 10.23
N GLU B 227 -32.22 7.80 10.58
CA GLU B 227 -33.26 7.95 9.57
C GLU B 227 -33.24 9.35 8.98
N LEU B 228 -32.77 10.32 9.77
CA LEU B 228 -32.59 11.67 9.28
C LEU B 228 -31.38 11.73 8.37
N LEU B 229 -30.35 10.98 8.71
CA LEU B 229 -29.16 10.87 7.87
C LEU B 229 -29.49 10.19 6.55
N THR B 230 -30.39 9.20 6.61
CA THR B 230 -30.82 8.50 5.42
C THR B 230 -31.56 9.46 4.48
N LEU B 231 -32.25 10.44 5.06
CA LEU B 231 -32.88 11.49 4.28
C LEU B 231 -31.81 12.24 3.51
N VAL B 232 -30.78 12.67 4.21
CA VAL B 232 -29.67 13.41 3.60
C VAL B 232 -29.07 12.63 2.45
N ASN B 233 -28.96 11.31 2.62
CA ASN B 233 -28.50 10.43 1.55
C ASN B 233 -29.34 10.63 0.29
N ARG B 234 -30.64 10.57 0.44
CA ARG B 234 -31.56 10.72 -0.68
C ARG B 234 -31.41 12.09 -1.35
N LYS B 235 -31.40 13.14 -0.53
CA LYS B 235 -31.37 14.51 -1.01
C LYS B 235 -30.11 14.82 -1.80
N VAL B 236 -28.96 14.40 -1.28
CA VAL B 236 -27.68 14.67 -1.93
C VAL B 236 -27.50 13.84 -3.21
N SER B 237 -27.94 12.58 -3.17
CA SER B 237 -27.82 11.70 -4.32
C SER B 237 -28.80 12.10 -5.42
N GLN B 238 -29.74 12.97 -5.08
CA GLN B 238 -30.72 13.45 -6.05
C GLN B 238 -30.31 14.77 -6.69
N ARG B 239 -29.37 15.47 -6.07
CA ARG B 239 -28.83 16.69 -6.65
C ARG B 239 -28.23 16.38 -8.02
N ARG B 240 -28.88 16.86 -9.06
CA ARG B 240 -28.48 16.54 -10.43
C ARG B 240 -27.12 17.10 -10.81
N VAL B 241 -26.40 16.35 -11.63
CA VAL B 241 -25.04 16.71 -12.03
C VAL B 241 -24.84 16.51 -13.53
N ASP B 242 -25.94 16.55 -14.29
CA ASP B 242 -25.87 16.27 -15.72
C ASP B 242 -26.29 17.45 -16.59
N PHE B 243 -26.34 18.64 -16.00
CA PHE B 243 -26.64 19.85 -16.77
C PHE B 243 -26.02 21.07 -16.11
N CYS B 244 -24.69 21.04 -16.02
CA CYS B 244 -23.95 22.06 -15.29
C CYS B 244 -23.72 23.33 -16.09
N LYS B 245 -23.02 24.27 -15.48
CA LYS B 245 -22.40 25.37 -16.20
C LYS B 245 -20.91 25.29 -15.89
N ASP B 246 -20.44 24.09 -15.60
CA ASP B 246 -19.00 23.85 -15.47
C ASP B 246 -18.84 22.49 -16.12
N PRO B 247 -18.65 22.49 -17.44
CA PRO B 247 -18.60 21.23 -18.17
C PRO B 247 -17.63 20.15 -17.77
N SER B 248 -16.93 20.46 -16.69
CA SER B 248 -15.83 19.61 -16.25
C SER B 248 -16.37 18.61 -15.21
N ALA B 249 -17.68 18.62 -15.00
CA ALA B 249 -18.30 17.80 -13.97
C ALA B 249 -19.70 17.34 -14.32
N ILE B 250 -19.92 16.99 -15.58
CA ILE B 250 -21.18 16.37 -15.97
C ILE B 250 -21.09 14.86 -15.73
N GLY B 251 -21.83 14.38 -14.74
CA GLY B 251 -21.87 12.96 -14.43
C GLY B 251 -21.41 12.62 -13.03
N LYS B 252 -20.68 13.54 -12.40
CA LYS B 252 -20.08 13.28 -11.09
C LYS B 252 -21.08 13.32 -9.95
N LYS B 253 -21.73 12.19 -9.72
CA LYS B 253 -22.71 12.06 -8.65
C LYS B 253 -22.07 12.11 -7.27
N GLN B 254 -22.83 12.58 -6.29
CA GLN B 254 -22.40 12.56 -4.90
C GLN B 254 -23.35 11.69 -4.08
N VAL B 255 -22.80 10.66 -3.45
CA VAL B 255 -23.58 9.80 -2.57
C VAL B 255 -22.89 9.66 -1.22
N PRO B 256 -23.50 10.21 -0.17
CA PRO B 256 -22.92 10.16 1.17
C PRO B 256 -23.15 8.80 1.80
N CYS B 257 -22.68 8.63 3.02
CA CYS B 257 -22.91 7.41 3.77
C CYS B 257 -22.63 7.64 5.23
N PHE B 258 -23.17 6.76 6.07
CA PHE B 258 -22.79 6.74 7.47
C PHE B 258 -22.48 5.32 7.91
N ALA B 259 -21.46 5.16 8.74
CA ALA B 259 -21.13 3.88 9.31
C ALA B 259 -21.55 3.91 10.77
N SER B 260 -22.54 3.09 11.12
CA SER B 260 -23.11 3.13 12.45
C SER B 260 -22.63 2.00 13.35
N MET B 261 -22.20 2.35 14.55
CA MET B 261 -21.87 1.35 15.56
C MET B 261 -22.74 1.58 16.78
N LEU B 262 -23.80 2.37 16.61
CA LEU B 262 -24.75 2.65 17.67
C LEU B 262 -25.50 1.39 18.06
N THR B 263 -26.05 1.38 19.27
CA THR B 263 -26.70 0.19 19.81
C THR B 263 -28.12 0.48 20.26
N LYS B 264 -28.53 1.74 20.16
CA LYS B 264 -29.87 2.16 20.55
C LYS B 264 -30.41 3.20 19.59
N LYS B 265 -31.72 3.42 19.63
CA LYS B 265 -32.35 4.48 18.84
C LYS B 265 -31.88 5.84 19.37
N LEU B 266 -31.71 6.80 18.47
CA LEU B 266 -31.21 8.12 18.84
C LEU B 266 -32.15 9.24 18.42
N HIS B 267 -32.70 9.93 19.40
CA HIS B 267 -33.57 11.07 19.15
C HIS B 267 -33.02 12.33 19.81
N PHE B 268 -33.24 13.47 19.19
CA PHE B 268 -32.88 14.75 19.79
C PHE B 268 -34.14 15.55 20.11
N PHE B 269 -35.07 14.92 20.82
CA PHE B 269 -36.27 15.59 21.29
C PHE B 269 -35.89 16.81 22.10
N PRO B 270 -36.69 17.89 21.98
CA PRO B 270 -36.40 19.12 22.72
C PRO B 270 -36.36 18.85 24.23
N LYS B 271 -35.35 19.39 24.90
CA LYS B 271 -35.19 19.16 26.34
C LYS B 271 -36.14 20.02 27.15
N SER B 272 -36.67 19.46 28.23
CA SER B 272 -37.58 20.18 29.10
C SER B 272 -36.84 20.83 30.26
N MET C 10 44.83 -16.92 0.76
CA MET C 10 43.63 -17.65 1.19
C MET C 10 42.42 -17.20 0.40
N PHE C 11 42.12 -15.91 0.49
CA PHE C 11 40.92 -15.32 -0.09
C PHE C 11 41.26 -14.50 -1.33
N ASP C 12 40.50 -14.73 -2.40
CA ASP C 12 40.83 -14.16 -3.70
C ASP C 12 39.97 -12.95 -4.05
N PRO C 13 40.57 -11.76 -4.00
CA PRO C 13 39.84 -10.53 -4.36
C PRO C 13 39.60 -10.46 -5.86
N ALA C 14 40.28 -11.34 -6.59
CA ALA C 14 40.16 -11.43 -8.04
C ALA C 14 39.35 -12.67 -8.46
N GLU C 15 38.72 -13.32 -7.49
CA GLU C 15 38.02 -14.57 -7.74
C GLU C 15 36.89 -14.39 -8.73
N LYS C 16 36.72 -15.37 -9.61
CA LYS C 16 35.72 -15.28 -10.67
C LYS C 16 34.89 -16.54 -10.82
N TYR C 17 33.70 -16.37 -11.39
CA TYR C 17 32.79 -17.45 -11.70
C TYR C 17 33.50 -18.38 -12.66
N LYS C 18 33.51 -19.67 -12.33
CA LYS C 18 34.06 -20.66 -13.23
C LYS C 18 33.24 -20.71 -14.50
N MET C 19 33.79 -20.19 -15.59
CA MET C 19 33.08 -20.16 -16.86
C MET C 19 33.68 -21.14 -17.86
N ASP C 20 34.14 -22.28 -17.35
CA ASP C 20 34.75 -23.31 -18.19
C ASP C 20 33.85 -24.51 -18.41
N HIS C 21 32.54 -24.34 -18.21
CA HIS C 21 31.59 -25.39 -18.51
C HIS C 21 31.51 -25.55 -20.03
N ARG C 22 31.12 -26.73 -20.49
CA ARG C 22 31.16 -27.03 -21.92
C ARG C 22 30.18 -26.16 -22.72
N ARG C 23 29.10 -25.72 -22.07
CA ARG C 23 28.17 -24.76 -22.67
C ARG C 23 28.20 -23.47 -21.87
N ARG C 24 27.89 -22.35 -22.52
CA ARG C 24 27.77 -21.08 -21.83
C ARG C 24 26.47 -21.05 -21.04
N GLY C 25 25.39 -21.46 -21.70
CA GLY C 25 24.09 -21.48 -21.06
C GLY C 25 23.00 -21.00 -22.00
N ILE C 26 21.78 -20.87 -21.47
CA ILE C 26 20.63 -20.43 -22.24
C ILE C 26 20.41 -18.93 -22.10
N ALA C 27 19.96 -18.30 -23.18
CA ALA C 27 19.54 -16.91 -23.14
C ALA C 27 18.06 -16.84 -23.49
N LEU C 28 17.22 -16.60 -22.49
CA LEU C 28 15.78 -16.59 -22.65
C LEU C 28 15.28 -15.18 -22.94
N ILE C 29 14.73 -14.98 -24.14
CA ILE C 29 14.19 -13.68 -24.50
C ILE C 29 12.68 -13.73 -24.68
N PHE C 30 11.96 -12.95 -23.87
CA PHE C 30 10.52 -12.85 -24.01
C PHE C 30 10.14 -11.51 -24.64
N ASN C 31 9.70 -11.56 -25.88
CA ASN C 31 9.41 -10.37 -26.66
C ASN C 31 7.92 -10.09 -26.73
N HIS C 32 7.52 -8.88 -26.35
CA HIS C 32 6.11 -8.51 -26.36
C HIS C 32 5.89 -7.16 -27.04
N GLU C 33 5.24 -7.20 -28.21
CA GLU C 33 5.07 -6.00 -29.02
C GLU C 33 3.63 -5.48 -28.97
N ARG C 34 2.69 -6.36 -28.66
CA ARG C 34 1.28 -5.98 -28.57
C ARG C 34 0.56 -6.78 -27.49
N PHE C 35 -0.63 -6.32 -27.10
CA PHE C 35 -1.30 -6.87 -25.94
C PHE C 35 -2.82 -7.03 -26.07
N PHE C 36 -3.36 -7.89 -25.22
CA PHE C 36 -4.79 -8.11 -25.08
C PHE C 36 -5.52 -6.78 -24.98
N TRP C 37 -6.57 -6.61 -25.78
CA TRP C 37 -7.29 -5.33 -25.85
C TRP C 37 -7.71 -4.81 -24.47
N HIS C 38 -8.02 -5.73 -23.56
CA HIS C 38 -8.54 -5.36 -22.25
C HIS C 38 -7.50 -4.71 -21.34
N LEU C 39 -6.24 -4.80 -21.74
CA LEU C 39 -5.16 -4.24 -20.94
C LEU C 39 -4.89 -2.78 -21.31
N THR C 40 -5.47 -2.35 -22.43
CA THR C 40 -5.31 -0.98 -22.90
C THR C 40 -3.85 -0.56 -22.87
N LEU C 41 -2.97 -1.46 -23.29
CA LEU C 41 -1.55 -1.18 -23.34
C LEU C 41 -1.12 -0.93 -24.79
N PRO C 42 -0.38 0.17 -25.00
CA PRO C 42 0.07 0.56 -26.35
C PRO C 42 1.03 -0.45 -26.95
N GLU C 43 1.10 -0.50 -28.28
CA GLU C 43 2.05 -1.35 -28.96
C GLU C 43 3.48 -0.94 -28.60
N ARG C 44 4.44 -1.80 -28.90
CA ARG C 44 5.83 -1.51 -28.61
C ARG C 44 6.69 -1.66 -29.87
N ARG C 45 6.39 -0.86 -30.88
CA ARG C 45 7.12 -0.87 -32.13
C ARG C 45 8.62 -0.70 -31.89
N GLY C 46 9.42 -1.61 -32.45
CA GLY C 46 10.85 -1.55 -32.30
C GLY C 46 11.38 -2.64 -31.39
N THR C 47 10.48 -3.29 -30.65
CA THR C 47 10.87 -4.34 -29.72
C THR C 47 11.47 -5.53 -30.46
N CYS C 48 11.05 -5.72 -31.70
CA CYS C 48 11.59 -6.80 -32.53
C CYS C 48 13.04 -6.50 -32.90
N ALA C 49 13.34 -5.23 -33.12
CA ALA C 49 14.71 -4.81 -33.38
C ALA C 49 15.59 -5.12 -32.18
N ASP C 50 15.05 -4.89 -30.99
CA ASP C 50 15.75 -5.22 -29.75
C ASP C 50 15.98 -6.71 -29.65
N ARG C 51 14.92 -7.48 -29.89
CA ARG C 51 14.99 -8.93 -29.84
C ARG C 51 16.10 -9.45 -30.74
N ASP C 52 16.11 -8.99 -31.99
CA ASP C 52 17.11 -9.44 -32.96
C ASP C 52 18.52 -9.02 -32.55
N ASN C 53 18.65 -7.81 -32.02
CA ASN C 53 19.95 -7.33 -31.57
C ASN C 53 20.50 -8.20 -30.45
N LEU C 54 19.71 -8.31 -29.38
CA LEU C 54 20.06 -9.15 -28.23
C LEU C 54 20.40 -10.58 -28.65
N THR C 55 19.61 -11.10 -29.57
CA THR C 55 19.79 -12.49 -30.03
C THR C 55 21.21 -12.73 -30.54
N ARG C 56 21.66 -11.87 -31.45
CA ARG C 56 22.99 -12.04 -32.05
C ARG C 56 24.13 -11.74 -31.08
N ARG C 57 23.96 -10.74 -30.23
CA ARG C 57 25.00 -10.39 -29.28
C ARG C 57 25.22 -11.49 -28.23
N PHE C 58 24.16 -12.21 -27.90
CA PHE C 58 24.27 -13.30 -26.92
C PHE C 58 24.68 -14.61 -27.58
N SER C 59 24.31 -14.78 -28.85
CA SER C 59 24.79 -15.91 -29.63
C SER C 59 26.30 -15.83 -29.76
N ASP C 60 26.80 -14.63 -30.09
CA ASP C 60 28.22 -14.41 -30.26
C ASP C 60 28.98 -14.62 -28.96
N LEU C 61 28.29 -14.44 -27.83
CA LEU C 61 28.89 -14.68 -26.53
C LEU C 61 28.76 -16.15 -26.13
N GLY C 62 28.23 -16.96 -27.03
CA GLY C 62 28.17 -18.40 -26.83
C GLY C 62 26.86 -18.93 -26.29
N PHE C 63 25.92 -18.03 -26.00
CA PHE C 63 24.63 -18.44 -25.45
C PHE C 63 23.78 -19.17 -26.48
N GLU C 64 22.93 -20.07 -25.98
CA GLU C 64 21.88 -20.68 -26.80
C GLU C 64 20.63 -19.84 -26.62
N VAL C 65 20.38 -18.96 -27.59
CA VAL C 65 19.28 -18.01 -27.49
C VAL C 65 17.94 -18.64 -27.84
N LYS C 66 16.93 -18.34 -27.02
CA LYS C 66 15.56 -18.78 -27.30
C LYS C 66 14.63 -17.58 -27.22
N CYS C 67 14.03 -17.22 -28.35
CA CYS C 67 13.08 -16.10 -28.38
C CYS C 67 11.65 -16.59 -28.44
N PHE C 68 10.81 -16.01 -27.60
CA PHE C 68 9.38 -16.30 -27.61
C PHE C 68 8.62 -14.99 -27.74
N ASN C 69 7.70 -14.93 -28.71
CA ASN C 69 7.00 -13.69 -29.01
C ASN C 69 5.55 -13.65 -28.56
N ASP C 70 5.20 -12.58 -27.85
CA ASP C 70 3.84 -12.32 -27.41
C ASP C 70 3.15 -13.56 -26.81
N LEU C 71 3.85 -14.27 -25.94
CA LEU C 71 3.25 -15.41 -25.25
C LEU C 71 2.26 -14.90 -24.20
N LYS C 72 1.27 -15.73 -23.90
CA LYS C 72 0.35 -15.44 -22.82
C LYS C 72 0.98 -15.85 -21.50
N ALA C 73 0.50 -15.26 -20.40
CA ALA C 73 1.03 -15.55 -19.08
C ALA C 73 1.23 -17.05 -18.86
N GLU C 74 0.24 -17.84 -19.26
CA GLU C 74 0.27 -19.28 -19.03
C GLU C 74 1.39 -19.99 -19.79
N GLU C 75 1.45 -19.80 -21.10
CA GLU C 75 2.49 -20.42 -21.90
C GLU C 75 3.88 -19.93 -21.47
N LEU C 76 3.96 -18.65 -21.13
CA LEU C 76 5.22 -18.05 -20.70
C LEU C 76 5.73 -18.73 -19.43
N LEU C 77 4.85 -18.91 -18.46
CA LEU C 77 5.20 -19.55 -17.20
C LEU C 77 5.59 -21.01 -17.36
N LEU C 78 4.83 -21.75 -18.15
CA LEU C 78 5.16 -23.14 -18.43
C LEU C 78 6.56 -23.21 -19.04
N LYS C 79 6.79 -22.35 -20.02
CA LYS C 79 8.02 -22.35 -20.81
C LYS C 79 9.25 -21.98 -19.98
N ILE C 80 9.10 -21.04 -19.05
CA ILE C 80 10.22 -20.65 -18.20
C ILE C 80 10.40 -21.65 -17.07
N HIS C 81 9.31 -22.32 -16.69
CA HIS C 81 9.40 -23.36 -15.68
C HIS C 81 10.12 -24.57 -16.25
N GLU C 82 10.02 -24.75 -17.57
CA GLU C 82 10.71 -25.83 -18.24
C GLU C 82 12.21 -25.58 -18.27
N VAL C 83 12.58 -24.33 -18.55
CA VAL C 83 13.99 -23.95 -18.55
C VAL C 83 14.56 -24.02 -17.14
N SER C 84 13.72 -23.76 -16.15
CA SER C 84 14.15 -23.77 -14.76
C SER C 84 14.38 -25.19 -14.24
N THR C 85 13.69 -26.16 -14.83
CA THR C 85 13.77 -27.54 -14.35
C THR C 85 14.72 -28.43 -15.15
N VAL C 86 15.11 -28.00 -16.34
CA VAL C 86 16.10 -28.74 -17.12
C VAL C 86 17.49 -28.47 -16.55
N SER C 87 18.40 -29.42 -16.74
CA SER C 87 19.73 -29.31 -16.16
C SER C 87 20.58 -28.20 -16.79
N HIS C 88 21.22 -27.41 -15.94
CA HIS C 88 22.19 -26.41 -16.37
C HIS C 88 23.56 -26.83 -15.87
N ALA C 89 23.68 -28.09 -15.47
CA ALA C 89 24.89 -28.61 -14.85
C ALA C 89 26.14 -28.32 -15.66
N ASP C 90 26.04 -28.47 -16.98
CA ASP C 90 27.18 -28.27 -17.86
C ASP C 90 27.13 -26.90 -18.53
N ALA C 91 26.56 -25.93 -17.83
CA ALA C 91 26.46 -24.56 -18.35
C ALA C 91 27.12 -23.56 -17.42
N ASP C 92 27.49 -22.40 -17.96
CA ASP C 92 28.20 -21.39 -17.18
C ASP C 92 27.25 -20.52 -16.37
N CYS C 93 26.08 -20.22 -16.93
CA CYS C 93 25.17 -19.28 -16.31
C CYS C 93 23.81 -19.32 -16.98
N PHE C 94 22.94 -18.40 -16.59
CA PHE C 94 21.63 -18.26 -17.21
C PHE C 94 21.30 -16.81 -17.48
N VAL C 95 20.77 -16.55 -18.67
CA VAL C 95 20.35 -15.20 -19.04
C VAL C 95 18.89 -15.19 -19.46
N CYS C 96 18.11 -14.30 -18.85
CA CYS C 96 16.71 -14.12 -19.23
C CYS C 96 16.41 -12.65 -19.45
N VAL C 97 15.84 -12.33 -20.60
CA VAL C 97 15.52 -10.95 -20.95
C VAL C 97 14.02 -10.76 -21.11
N PHE C 98 13.51 -9.64 -20.58
CA PHE C 98 12.10 -9.31 -20.72
C PHE C 98 11.88 -7.99 -21.42
N LEU C 99 11.23 -8.05 -22.58
CA LEU C 99 10.88 -6.86 -23.34
C LEU C 99 9.36 -6.72 -23.37
N SER C 100 8.84 -5.74 -22.64
CA SER C 100 7.40 -5.57 -22.50
C SER C 100 7.06 -4.36 -21.64
N HIS C 101 5.76 -4.17 -21.38
CA HIS C 101 5.32 -3.19 -20.41
C HIS C 101 5.42 -3.81 -19.02
N GLY C 102 5.55 -2.96 -18.01
CA GLY C 102 5.65 -3.41 -16.65
C GLY C 102 5.17 -2.35 -15.69
N GLU C 103 4.91 -2.75 -14.45
CA GLU C 103 4.42 -1.81 -13.44
C GLU C 103 4.67 -2.34 -12.03
N GLY C 104 5.30 -1.50 -11.22
CA GLY C 104 5.70 -1.89 -9.89
C GLY C 104 6.53 -3.18 -9.93
N ASN C 105 5.96 -4.27 -9.40
CA ASN C 105 6.65 -5.57 -9.39
C ASN C 105 6.21 -6.48 -10.52
N HIS C 106 5.41 -5.93 -11.43
CA HIS C 106 4.78 -6.75 -12.44
C HIS C 106 5.32 -6.47 -13.85
N ILE C 107 5.52 -7.56 -14.58
CA ILE C 107 5.67 -7.45 -16.01
C ILE C 107 4.38 -7.97 -16.62
N TYR C 108 4.18 -7.64 -17.90
CA TYR C 108 3.01 -8.07 -18.61
C TYR C 108 3.36 -9.12 -19.65
N ALA C 109 2.64 -10.23 -19.59
CA ALA C 109 2.57 -11.14 -20.71
C ALA C 109 1.38 -10.69 -21.55
N TYR C 110 1.21 -11.29 -22.72
CA TYR C 110 0.18 -10.82 -23.65
C TYR C 110 -1.17 -10.49 -23.01
N ASP C 111 -1.60 -11.28 -22.03
CA ASP C 111 -2.97 -11.21 -21.54
C ASP C 111 -3.10 -10.98 -20.04
N ALA C 112 -1.98 -10.97 -19.33
CA ALA C 112 -2.02 -10.83 -17.88
C ALA C 112 -0.65 -10.44 -17.35
N LYS C 113 -0.59 -10.03 -16.09
CA LYS C 113 0.68 -9.66 -15.49
C LYS C 113 1.26 -10.77 -14.61
N ILE C 114 2.58 -10.81 -14.58
CA ILE C 114 3.29 -11.79 -13.80
C ILE C 114 4.24 -11.03 -12.90
N GLU C 115 4.46 -11.57 -11.71
CA GLU C 115 5.43 -10.98 -10.81
C GLU C 115 6.83 -11.39 -11.20
N ILE C 116 7.73 -10.42 -11.23
CA ILE C 116 9.12 -10.70 -11.53
C ILE C 116 9.69 -11.70 -10.54
N GLN C 117 9.36 -11.52 -9.27
CA GLN C 117 9.84 -12.45 -8.23
C GLN C 117 9.38 -13.87 -8.49
N THR C 118 8.26 -14.02 -9.19
CA THR C 118 7.75 -15.33 -9.57
C THR C 118 8.64 -15.96 -10.63
N LEU C 119 9.14 -15.11 -11.53
CA LEU C 119 10.03 -15.56 -12.61
C LEU C 119 11.43 -15.86 -12.08
N THR C 120 11.97 -14.94 -11.30
CA THR C 120 13.31 -15.10 -10.74
C THR C 120 13.34 -16.23 -9.72
N GLY C 121 12.23 -16.41 -8.99
CA GLY C 121 12.15 -17.41 -7.94
C GLY C 121 12.40 -18.82 -8.42
N LEU C 122 12.15 -19.06 -9.70
CA LEU C 122 12.28 -20.40 -10.26
C LEU C 122 13.75 -20.84 -10.37
N PHE C 123 14.66 -19.88 -10.33
CA PHE C 123 16.07 -20.17 -10.54
C PHE C 123 16.93 -19.99 -9.30
N LYS C 124 16.29 -19.76 -8.15
CA LYS C 124 17.04 -19.59 -6.91
C LYS C 124 17.64 -20.90 -6.42
N GLY C 125 18.69 -20.79 -5.60
CA GLY C 125 19.46 -21.94 -5.14
C GLY C 125 18.69 -23.23 -4.94
N ASP C 126 17.66 -23.18 -4.10
CA ASP C 126 16.89 -24.37 -3.77
C ASP C 126 16.11 -24.91 -4.98
N LYS C 127 15.43 -24.03 -5.70
CA LYS C 127 14.56 -24.45 -6.80
C LYS C 127 15.31 -24.85 -8.07
N CYS C 128 16.48 -24.28 -8.29
CA CYS C 128 17.33 -24.67 -9.41
C CYS C 128 18.72 -24.97 -8.92
N HIS C 129 19.17 -26.21 -9.13
CA HIS C 129 20.38 -26.71 -8.51
C HIS C 129 21.59 -26.66 -9.43
N SER C 130 21.33 -26.81 -10.71
CA SER C 130 22.38 -26.74 -11.71
C SER C 130 22.90 -25.32 -11.90
N LEU C 131 22.23 -24.34 -11.29
CA LEU C 131 22.59 -22.95 -11.46
C LEU C 131 23.12 -22.34 -10.19
N VAL C 132 23.33 -23.18 -9.17
CA VAL C 132 23.78 -22.70 -7.87
C VAL C 132 25.28 -22.38 -7.89
N GLY C 133 25.62 -21.19 -7.43
CA GLY C 133 26.97 -20.68 -7.56
C GLY C 133 27.23 -20.11 -8.95
N LYS C 134 26.19 -20.13 -9.77
CA LYS C 134 26.30 -19.65 -11.14
C LYS C 134 25.54 -18.35 -11.36
N PRO C 135 26.12 -17.43 -12.14
CA PRO C 135 25.52 -16.12 -12.41
C PRO C 135 24.17 -16.26 -13.10
N LYS C 136 23.14 -15.67 -12.50
CA LYS C 136 21.81 -15.66 -13.09
C LYS C 136 21.44 -14.21 -13.43
N ILE C 137 21.31 -13.92 -14.72
CA ILE C 137 21.21 -12.54 -15.18
C ILE C 137 19.86 -12.22 -15.83
N PHE C 138 19.12 -11.31 -15.21
CA PHE C 138 17.85 -10.86 -15.76
C PHE C 138 17.96 -9.44 -16.28
N ILE C 139 17.57 -9.25 -17.53
CA ILE C 139 17.61 -7.94 -18.18
C ILE C 139 16.20 -7.50 -18.51
N ILE C 140 15.77 -6.37 -17.95
CA ILE C 140 14.39 -5.94 -18.10
C ILE C 140 14.24 -4.58 -18.77
N GLN C 141 13.77 -4.61 -20.01
CA GLN C 141 13.32 -3.41 -20.70
C GLN C 141 11.80 -3.37 -20.58
N ALA C 142 11.31 -2.56 -19.64
CA ALA C 142 9.89 -2.50 -19.36
C ALA C 142 9.53 -1.19 -18.67
N ALA C 143 8.46 -0.57 -19.10
CA ALA C 143 8.02 0.69 -18.52
C ALA C 143 6.51 0.86 -18.67
N ARG C 144 6.02 2.05 -18.34
CA ARG C 144 4.59 2.33 -18.42
C ARG C 144 4.21 2.84 -19.80
N GLY C 145 3.22 2.19 -20.41
CA GLY C 145 2.69 2.64 -21.68
C GLY C 145 1.90 3.92 -21.51
N ASN C 146 1.85 4.72 -22.55
CA ASN C 146 1.17 6.01 -22.48
C ASN C 146 -0.31 5.91 -22.78
N THR C 167 8.84 5.16 -41.18
CA THR C 167 9.49 6.32 -40.56
C THR C 167 9.84 6.06 -39.10
N ASN C 168 11.00 6.58 -38.69
CA ASN C 168 11.50 6.36 -37.33
C ASN C 168 10.94 7.38 -36.35
N ILE C 169 10.55 6.91 -35.17
CA ILE C 169 10.04 7.81 -34.13
C ILE C 169 10.56 7.39 -32.76
N THR C 170 10.82 8.38 -31.90
CA THR C 170 11.27 8.10 -30.55
C THR C 170 10.14 8.27 -29.54
N GLU C 171 9.76 7.16 -28.92
CA GLU C 171 8.69 7.20 -27.92
C GLU C 171 9.26 7.24 -26.51
N VAL C 172 8.57 7.93 -25.62
CA VAL C 172 9.05 8.09 -24.25
C VAL C 172 8.05 7.50 -23.25
N ASP C 173 8.55 6.61 -22.41
CA ASP C 173 7.72 5.97 -21.39
C ASP C 173 8.31 6.24 -20.01
N ALA C 174 7.44 6.45 -19.02
CA ALA C 174 7.90 6.72 -17.66
C ALA C 174 8.37 5.44 -16.96
N ALA C 175 9.38 5.57 -16.12
CA ALA C 175 9.85 4.45 -15.32
C ALA C 175 8.72 3.99 -14.41
N SER C 176 8.48 2.68 -14.37
CA SER C 176 7.36 2.15 -13.61
C SER C 176 7.71 0.86 -12.87
N VAL C 177 8.68 0.12 -13.38
CA VAL C 177 9.09 -1.14 -12.76
C VAL C 177 10.13 -0.92 -11.67
N TYR C 178 9.82 -1.38 -10.46
CA TYR C 178 10.75 -1.30 -9.35
C TYR C 178 12.04 -2.03 -9.70
N THR C 179 13.18 -1.40 -9.38
CA THR C 179 14.48 -1.96 -9.72
C THR C 179 15.09 -2.71 -8.54
N LEU C 180 14.63 -3.94 -8.32
CA LEU C 180 15.03 -4.73 -7.17
C LEU C 180 15.95 -5.89 -7.55
N PRO C 181 16.68 -6.43 -6.56
CA PRO C 181 17.49 -7.64 -6.73
C PRO C 181 16.62 -8.89 -6.64
N ALA C 182 17.23 -10.07 -6.73
CA ALA C 182 16.46 -11.31 -6.84
C ALA C 182 16.95 -12.43 -5.93
N GLY C 183 18.20 -12.34 -5.48
CA GLY C 183 18.77 -13.37 -4.65
C GLY C 183 20.25 -13.57 -4.92
N ALA C 184 20.86 -14.51 -4.20
CA ALA C 184 22.30 -14.76 -4.32
C ALA C 184 22.69 -15.14 -5.75
N ASP C 185 23.74 -14.50 -6.25
CA ASP C 185 24.25 -14.77 -7.58
C ASP C 185 23.26 -14.34 -8.66
N PHE C 186 22.38 -13.40 -8.31
CA PHE C 186 21.47 -12.80 -9.28
C PHE C 186 21.97 -11.42 -9.67
N LEU C 187 21.88 -11.11 -10.97
CA LEU C 187 22.18 -9.78 -11.47
C LEU C 187 20.96 -9.22 -12.17
N MET C 188 20.31 -8.25 -11.54
CA MET C 188 19.11 -7.65 -12.12
C MET C 188 19.45 -6.36 -12.85
N CYS C 189 19.22 -6.35 -14.16
CA CYS C 189 19.54 -5.20 -14.99
C CYS C 189 18.27 -4.49 -15.46
N TYR C 190 18.20 -3.19 -15.23
CA TYR C 190 17.01 -2.41 -15.56
C TYR C 190 17.30 -1.27 -16.53
N SER C 191 16.45 -1.13 -17.53
CA SER C 191 16.61 -0.11 -18.56
C SER C 191 16.53 1.31 -18.00
N VAL C 192 15.66 1.51 -17.02
CA VAL C 192 15.43 2.84 -16.46
C VAL C 192 15.15 2.80 -14.97
N ALA C 193 15.62 3.82 -14.25
CA ALA C 193 15.38 3.93 -12.82
C ALA C 193 14.26 4.92 -12.53
N GLU C 194 13.63 4.77 -11.38
CA GLU C 194 12.50 5.62 -10.98
C GLU C 194 12.80 7.10 -11.16
N GLY C 195 11.84 7.84 -11.71
CA GLY C 195 11.97 9.27 -11.88
C GLY C 195 12.58 9.65 -13.22
N TYR C 196 13.04 8.65 -13.97
CA TYR C 196 13.58 8.87 -15.31
C TYR C 196 12.65 8.26 -16.34
N TYR C 197 12.99 8.42 -17.63
CA TYR C 197 12.13 7.94 -18.70
C TYR C 197 12.86 7.01 -19.65
N SER C 198 12.17 5.92 -20.03
CA SER C 198 12.69 4.99 -21.02
C SER C 198 12.37 5.52 -22.41
N HIS C 199 13.24 5.19 -23.38
CA HIS C 199 13.03 5.61 -24.76
C HIS C 199 13.14 4.42 -25.71
N ARG C 200 12.28 4.39 -26.72
CA ARG C 200 12.35 3.35 -27.75
C ARG C 200 12.04 3.92 -29.12
N GLU C 201 12.95 3.68 -30.06
CA GLU C 201 12.77 4.12 -31.43
C GLU C 201 12.05 3.03 -32.22
N THR C 202 11.06 3.44 -33.00
CA THR C 202 10.20 2.51 -33.71
C THR C 202 10.96 1.59 -34.66
N VAL C 203 12.14 2.02 -35.11
CA VAL C 203 12.94 1.21 -36.02
C VAL C 203 14.23 0.70 -35.39
N ASN C 204 14.99 1.60 -34.75
CA ASN C 204 16.25 1.20 -34.12
C ASN C 204 16.06 0.39 -32.85
N GLY C 205 15.03 0.75 -32.08
CA GLY C 205 14.74 0.05 -30.84
C GLY C 205 15.00 0.88 -29.60
N SER C 206 15.05 0.22 -28.46
CA SER C 206 15.22 0.89 -27.17
C SER C 206 16.64 1.44 -26.99
N TRP C 207 16.74 2.64 -26.43
CA TRP C 207 18.04 3.23 -26.10
C TRP C 207 18.86 2.25 -25.28
N TYR C 208 18.27 1.72 -24.22
CA TYR C 208 18.95 0.80 -23.33
C TYR C 208 19.48 -0.43 -24.05
N ILE C 209 18.62 -1.07 -24.83
CA ILE C 209 18.99 -2.28 -25.56
C ILE C 209 20.06 -2.00 -26.62
N GLN C 210 19.87 -0.92 -27.38
CA GLN C 210 20.85 -0.53 -28.38
C GLN C 210 22.23 -0.37 -27.75
N ASP C 211 22.31 0.44 -26.70
CA ASP C 211 23.58 0.74 -26.05
C ASP C 211 24.18 -0.50 -25.40
N LEU C 212 23.32 -1.37 -24.85
CA LEU C 212 23.78 -2.60 -24.25
C LEU C 212 24.39 -3.53 -25.29
N CYS C 213 23.72 -3.64 -26.43
CA CYS C 213 24.16 -4.53 -27.51
C CYS C 213 25.45 -4.04 -28.17
N GLU C 214 25.63 -2.73 -28.22
CA GLU C 214 26.85 -2.16 -28.77
C GLU C 214 28.04 -2.46 -27.86
N MET C 215 27.83 -2.27 -26.56
CA MET C 215 28.86 -2.60 -25.58
C MET C 215 29.17 -4.09 -25.59
N LEU C 216 28.12 -4.90 -25.69
CA LEU C 216 28.29 -6.35 -25.76
C LEU C 216 29.13 -6.76 -26.96
N GLY C 217 28.87 -6.12 -28.11
CA GLY C 217 29.58 -6.45 -29.33
C GLY C 217 31.06 -6.14 -29.27
N LYS C 218 31.40 -4.99 -28.68
CA LYS C 218 32.78 -4.53 -28.63
C LYS C 218 33.56 -5.07 -27.45
N TYR C 219 32.93 -5.08 -26.28
CA TYR C 219 33.64 -5.41 -25.04
C TYR C 219 33.06 -6.64 -24.34
N GLY C 220 31.98 -7.19 -24.89
CA GLY C 220 31.28 -8.30 -24.28
C GLY C 220 32.15 -9.49 -23.91
N SER C 221 33.13 -9.81 -24.75
CA SER C 221 33.95 -10.99 -24.52
C SER C 221 35.27 -10.67 -23.81
N SER C 222 35.31 -9.54 -23.12
CA SER C 222 36.51 -9.13 -22.40
C SER C 222 36.19 -8.51 -21.06
N LEU C 223 35.49 -7.39 -21.07
CA LEU C 223 35.19 -6.63 -19.86
C LEU C 223 34.37 -7.41 -18.82
N GLU C 224 34.55 -7.07 -17.56
CA GLU C 224 33.74 -7.64 -16.48
C GLU C 224 32.32 -7.11 -16.66
N PHE C 225 31.34 -8.02 -16.63
CA PHE C 225 29.98 -7.69 -17.06
C PHE C 225 29.32 -6.51 -16.34
N THR C 226 29.54 -6.38 -15.03
CA THR C 226 28.95 -5.25 -14.30
C THR C 226 29.59 -3.94 -14.74
N GLU C 227 30.89 -3.98 -15.01
CA GLU C 227 31.58 -2.79 -15.48
C GLU C 227 31.12 -2.43 -16.88
N LEU C 228 30.72 -3.44 -17.64
CA LEU C 228 30.17 -3.24 -18.98
C LEU C 228 28.78 -2.61 -18.89
N LEU C 229 28.04 -2.96 -17.83
CA LEU C 229 26.73 -2.37 -17.59
C LEU C 229 26.89 -0.91 -17.17
N THR C 230 27.93 -0.63 -16.40
CA THR C 230 28.26 0.71 -15.97
C THR C 230 28.56 1.58 -17.19
N LEU C 231 29.21 0.98 -18.19
CA LEU C 231 29.43 1.67 -19.45
C LEU C 231 28.08 2.02 -20.06
N VAL C 232 27.17 1.05 -20.05
CA VAL C 232 25.83 1.26 -20.59
C VAL C 232 25.11 2.36 -19.82
N ASN C 233 25.34 2.43 -18.51
CA ASN C 233 24.80 3.52 -17.71
C ASN C 233 25.22 4.88 -18.27
N ARG C 234 26.50 4.99 -18.61
CA ARG C 234 27.03 6.26 -19.14
C ARG C 234 26.48 6.56 -20.54
N LYS C 235 26.51 5.58 -21.43
CA LYS C 235 26.04 5.79 -22.79
C LYS C 235 24.58 6.21 -22.87
N VAL C 236 23.73 5.56 -22.09
CA VAL C 236 22.30 5.88 -22.08
C VAL C 236 22.05 7.23 -21.40
N SER C 237 22.76 7.48 -20.30
CA SER C 237 22.57 8.72 -19.55
C SER C 237 23.04 9.94 -20.33
N GLN C 238 23.82 9.71 -21.39
CA GLN C 238 24.35 10.81 -22.19
C GLN C 238 23.55 11.02 -23.47
N ARG C 239 22.55 10.17 -23.69
CA ARG C 239 21.69 10.29 -24.85
C ARG C 239 20.77 11.49 -24.77
N ARG C 240 20.51 12.10 -25.92
CA ARG C 240 19.53 13.19 -26.07
C ARG C 240 18.69 13.03 -27.34
N VAL C 241 17.45 13.51 -27.23
CA VAL C 241 16.55 13.69 -28.35
C VAL C 241 16.92 15.00 -29.02
N ASP C 242 16.48 15.18 -30.25
CA ASP C 242 16.77 16.40 -30.98
C ASP C 242 16.15 17.61 -30.28
N PHE C 243 14.96 17.43 -29.71
CA PHE C 243 14.13 18.57 -29.31
C PHE C 243 13.68 19.30 -30.56
N CYS C 244 13.82 18.63 -31.70
CA CYS C 244 13.37 19.16 -32.99
C CYS C 244 12.25 18.31 -33.59
N LYS C 245 12.03 17.13 -33.00
CA LYS C 245 10.98 16.23 -33.45
C LYS C 245 9.95 16.03 -32.36
N ASP C 246 10.35 16.41 -31.16
CA ASP C 246 9.49 16.37 -30.00
C ASP C 246 9.61 17.66 -29.22
N PRO C 247 8.48 18.25 -28.91
CA PRO C 247 8.40 19.32 -27.91
C PRO C 247 7.94 18.73 -26.59
N SER C 248 7.50 17.48 -26.68
CA SER C 248 6.81 16.82 -25.59
C SER C 248 7.70 15.80 -24.89
N ALA C 249 9.01 15.94 -25.10
CA ALA C 249 10.00 15.06 -24.48
C ALA C 249 11.32 15.76 -24.16
N ILE C 250 11.35 17.09 -24.21
CA ILE C 250 12.58 17.85 -24.05
C ILE C 250 12.93 17.82 -22.56
N GLY C 251 14.05 17.19 -22.23
CA GLY C 251 14.53 17.17 -20.87
C GLY C 251 14.26 15.90 -20.09
N LYS C 252 13.62 14.93 -20.73
CA LYS C 252 13.33 13.65 -20.09
C LYS C 252 14.50 12.68 -20.25
N LYS C 253 15.40 12.68 -19.26
CA LYS C 253 16.63 11.89 -19.32
C LYS C 253 16.39 10.43 -18.95
N GLN C 254 17.24 9.55 -19.47
CA GLN C 254 17.17 8.13 -19.15
C GLN C 254 18.45 7.64 -18.50
N VAL C 255 18.32 7.11 -17.28
CA VAL C 255 19.45 6.52 -16.58
C VAL C 255 19.08 5.12 -16.12
N PRO C 256 19.73 4.09 -16.70
CA PRO C 256 19.48 2.72 -16.28
C PRO C 256 20.11 2.46 -14.92
N CYS C 257 20.01 1.23 -14.46
CA CYS C 257 20.68 0.81 -13.23
C CYS C 257 20.76 -0.70 -13.22
N PHE C 258 21.50 -1.24 -12.25
CA PHE C 258 21.55 -2.68 -12.07
C PHE C 258 21.71 -3.02 -10.59
N ALA C 259 20.96 -4.02 -10.14
CA ALA C 259 21.05 -4.49 -8.77
C ALA C 259 21.84 -5.79 -8.75
N SER C 260 23.02 -5.75 -8.15
CA SER C 260 23.89 -6.92 -8.14
C SER C 260 23.87 -7.66 -6.81
N MET C 261 23.75 -8.98 -6.91
CA MET C 261 23.94 -9.85 -5.75
C MET C 261 24.93 -10.93 -6.15
N LEU C 262 25.73 -10.62 -7.16
CA LEU C 262 26.81 -11.50 -7.60
C LEU C 262 27.86 -11.58 -6.50
N THR C 263 28.65 -12.64 -6.53
CA THR C 263 29.62 -12.89 -5.47
C THR C 263 31.04 -13.04 -6.01
N LYS C 264 31.18 -13.00 -7.33
CA LYS C 264 32.49 -13.10 -7.98
C LYS C 264 32.53 -12.24 -9.23
N LYS C 265 33.69 -12.18 -9.87
CA LYS C 265 33.82 -11.50 -11.15
C LYS C 265 33.14 -12.30 -12.25
N LEU C 266 32.49 -11.60 -13.17
CA LEU C 266 31.83 -12.26 -14.29
C LEU C 266 32.43 -11.86 -15.63
N HIS C 267 33.01 -12.83 -16.32
CA HIS C 267 33.53 -12.59 -17.66
C HIS C 267 32.97 -13.57 -18.69
N PHE C 268 32.92 -13.12 -19.93
CA PHE C 268 32.46 -13.96 -21.02
C PHE C 268 33.57 -14.15 -22.05
N PHE C 269 34.79 -14.40 -21.58
CA PHE C 269 35.88 -14.72 -22.47
C PHE C 269 35.43 -15.85 -23.38
N PRO C 270 35.86 -15.83 -24.65
CA PRO C 270 35.47 -16.87 -25.61
C PRO C 270 35.84 -18.26 -25.11
N LYS C 271 35.03 -19.25 -25.47
CA LYS C 271 35.24 -20.62 -25.01
C LYS C 271 35.95 -21.45 -26.06
N SER C 272 36.61 -22.52 -25.62
CA SER C 272 37.30 -23.42 -26.53
C SER C 272 36.30 -24.22 -27.37
N MET D 10 35.79 8.25 -29.61
CA MET D 10 35.19 9.15 -28.62
C MET D 10 35.09 8.48 -27.26
N PHE D 11 34.68 7.22 -27.26
CA PHE D 11 34.25 6.54 -26.07
C PHE D 11 35.35 5.66 -25.46
N ASP D 12 35.59 5.86 -24.16
CA ASP D 12 36.66 5.15 -23.47
C ASP D 12 36.14 4.31 -22.31
N PRO D 13 36.10 2.99 -22.50
CA PRO D 13 35.65 2.03 -21.48
C PRO D 13 36.52 2.09 -20.22
N ALA D 14 37.71 2.67 -20.34
CA ALA D 14 38.62 2.79 -19.20
C ALA D 14 38.33 4.06 -18.39
N GLU D 15 37.36 4.84 -18.87
CA GLU D 15 37.03 6.12 -18.23
C GLU D 15 36.76 5.94 -16.74
N LYS D 16 37.08 6.96 -15.96
CA LYS D 16 37.09 6.84 -14.50
C LYS D 16 36.69 8.15 -13.83
N TYR D 17 36.09 8.06 -12.64
CA TYR D 17 35.78 9.25 -11.86
C TYR D 17 37.07 9.97 -11.50
N LYS D 18 37.11 11.27 -11.74
CA LYS D 18 38.30 12.06 -11.45
C LYS D 18 38.46 12.23 -9.94
N MET D 19 39.49 11.60 -9.39
CA MET D 19 39.69 11.57 -7.95
C MET D 19 40.97 12.28 -7.53
N ASP D 20 41.21 13.46 -8.09
CA ASP D 20 42.45 14.18 -7.82
C ASP D 20 42.22 15.53 -7.14
N HIS D 21 41.01 15.73 -6.61
CA HIS D 21 40.71 16.95 -5.86
C HIS D 21 41.47 16.91 -4.53
N ARG D 22 41.70 18.07 -3.93
CA ARG D 22 42.54 18.13 -2.74
C ARG D 22 41.93 17.44 -1.52
N ARG D 23 40.62 17.20 -1.55
CA ARG D 23 39.97 16.44 -0.50
C ARG D 23 39.23 15.24 -1.09
N ARG D 24 39.25 14.12 -0.37
CA ARG D 24 38.51 12.93 -0.76
C ARG D 24 37.02 13.23 -0.67
N GLY D 25 36.64 13.92 0.40
CA GLY D 25 35.24 14.26 0.62
C GLY D 25 34.77 13.85 2.00
N ILE D 26 33.50 14.10 2.28
CA ILE D 26 32.92 13.84 3.59
C ILE D 26 32.20 12.49 3.65
N ALA D 27 32.43 11.75 4.74
CA ALA D 27 31.71 10.51 4.99
C ALA D 27 30.83 10.66 6.23
N LEU D 28 29.53 10.84 6.00
CA LEU D 28 28.58 11.02 7.09
C LEU D 28 28.11 9.69 7.64
N ILE D 29 28.20 9.54 8.96
CA ILE D 29 27.67 8.35 9.61
C ILE D 29 26.62 8.69 10.66
N PHE D 30 25.38 8.27 10.40
CA PHE D 30 24.31 8.42 11.39
C PHE D 30 24.11 7.09 12.12
N ASN D 31 24.61 7.05 13.35
CA ASN D 31 24.56 5.84 14.18
C ASN D 31 23.35 5.87 15.11
N HIS D 32 22.65 4.76 15.20
CA HIS D 32 21.43 4.69 16.02
C HIS D 32 21.36 3.41 16.85
N GLU D 33 21.40 3.56 18.18
CA GLU D 33 21.40 2.42 19.08
C GLU D 33 20.02 2.17 19.69
N ARG D 34 19.39 3.21 20.21
CA ARG D 34 18.07 3.08 20.82
C ARG D 34 17.09 4.12 20.28
N PHE D 35 15.80 3.94 20.58
CA PHE D 35 14.77 4.76 19.96
C PHE D 35 13.67 5.20 20.93
N PHE D 36 13.05 6.32 20.60
CA PHE D 36 11.91 6.85 21.34
C PHE D 36 10.97 5.71 21.73
N TRP D 37 10.62 5.65 23.02
CA TRP D 37 9.89 4.52 23.57
C TRP D 37 8.68 4.07 22.74
N HIS D 38 7.91 5.03 22.25
CA HIS D 38 6.63 4.71 21.60
C HIS D 38 6.77 4.07 20.22
N LEU D 39 7.96 4.15 19.64
CA LEU D 39 8.22 3.47 18.37
C LEU D 39 8.37 1.98 18.61
N THR D 40 8.54 1.61 19.88
CA THR D 40 8.75 0.22 20.27
C THR D 40 9.76 -0.47 19.37
N LEU D 41 10.90 0.18 19.17
CA LEU D 41 11.98 -0.40 18.36
C LEU D 41 13.10 -0.89 19.26
N PRO D 42 13.48 -2.17 19.10
CA PRO D 42 14.50 -2.81 19.94
C PRO D 42 15.88 -2.18 19.75
N GLU D 43 16.70 -2.24 20.79
CA GLU D 43 18.06 -1.70 20.75
C GLU D 43 18.91 -2.39 19.70
N ARG D 44 19.88 -1.65 19.17
CA ARG D 44 20.81 -2.20 18.19
C ARG D 44 22.22 -2.24 18.75
N ARG D 45 22.42 -3.03 19.80
CA ARG D 45 23.74 -3.21 20.41
C ARG D 45 24.72 -3.80 19.41
N GLY D 46 25.90 -3.21 19.33
CA GLY D 46 26.91 -3.63 18.38
C GLY D 46 27.06 -2.61 17.27
N THR D 47 26.12 -1.67 17.22
CA THR D 47 26.14 -0.62 16.19
C THR D 47 27.32 0.32 16.39
N CYS D 48 27.76 0.46 17.63
CA CYS D 48 28.92 1.29 17.95
C CYS D 48 30.18 0.67 17.35
N ALA D 49 30.31 -0.64 17.50
CA ALA D 49 31.42 -1.36 16.89
C ALA D 49 31.44 -1.11 15.39
N ASP D 50 30.25 -1.05 14.80
CA ASP D 50 30.12 -0.75 13.38
C ASP D 50 30.58 0.67 13.09
N ARG D 51 30.07 1.62 13.86
CA ARG D 51 30.37 3.03 13.64
C ARG D 51 31.87 3.32 13.68
N ASP D 52 32.55 2.78 14.69
CA ASP D 52 33.98 3.01 14.84
C ASP D 52 34.79 2.27 13.78
N ASN D 53 34.30 1.12 13.36
CA ASN D 53 34.95 0.34 12.31
C ASN D 53 34.94 1.10 10.99
N LEU D 54 33.79 1.70 10.69
CA LEU D 54 33.63 2.49 9.46
C LEU D 54 34.45 3.78 9.51
N THR D 55 34.56 4.36 10.69
CA THR D 55 35.24 5.63 10.86
C THR D 55 36.72 5.54 10.49
N ARG D 56 37.35 4.41 10.83
CA ARG D 56 38.76 4.20 10.52
C ARG D 56 38.96 3.92 9.04
N ARG D 57 38.24 2.94 8.52
CA ARG D 57 38.41 2.49 7.15
C ARG D 57 38.19 3.63 6.17
N PHE D 58 37.24 4.51 6.48
CA PHE D 58 36.97 5.65 5.61
C PHE D 58 37.95 6.80 5.84
N SER D 59 38.47 6.93 7.06
CA SER D 59 39.51 7.91 7.34
C SER D 59 40.79 7.54 6.59
N ASP D 60 41.15 6.26 6.62
CA ASP D 60 42.35 5.79 5.95
C ASP D 60 42.25 5.97 4.45
N LEU D 61 41.02 6.00 3.94
CA LEU D 61 40.78 6.23 2.52
C LEU D 61 40.81 7.71 2.19
N GLY D 62 40.85 8.55 3.22
CA GLY D 62 41.01 9.98 3.04
C GLY D 62 39.79 10.82 3.37
N PHE D 63 38.71 10.18 3.80
CA PHE D 63 37.47 10.90 4.08
C PHE D 63 37.53 11.68 5.39
N GLU D 64 36.81 12.80 5.43
CA GLU D 64 36.55 13.50 6.68
C GLU D 64 35.27 12.92 7.28
N VAL D 65 35.45 12.00 8.21
CA VAL D 65 34.31 11.29 8.79
C VAL D 65 33.57 12.15 9.81
N LYS D 66 32.25 12.18 9.71
CA LYS D 66 31.43 12.90 10.67
C LYS D 66 30.32 12.00 11.21
N CYS D 67 30.52 11.53 12.44
CA CYS D 67 29.58 10.62 13.09
C CYS D 67 28.54 11.39 13.93
N PHE D 68 27.31 10.88 13.93
CA PHE D 68 26.25 11.46 14.75
C PHE D 68 25.42 10.36 15.39
N ASN D 69 25.21 10.46 16.69
CA ASN D 69 24.56 9.38 17.45
C ASN D 69 23.14 9.69 17.90
N ASP D 70 22.21 8.82 17.52
CA ASP D 70 20.82 8.92 17.96
C ASP D 70 20.25 10.33 17.81
N LEU D 71 20.52 10.97 16.68
CA LEU D 71 19.93 12.26 16.40
C LEU D 71 18.43 12.10 16.25
N LYS D 72 17.67 13.10 16.68
CA LYS D 72 16.24 13.14 16.40
C LYS D 72 16.08 13.60 14.96
N ALA D 73 15.00 13.16 14.32
CA ALA D 73 14.76 13.46 12.91
C ALA D 73 15.04 14.93 12.58
N GLU D 74 14.65 15.82 13.48
CA GLU D 74 14.85 17.25 13.32
C GLU D 74 16.32 17.59 13.12
N GLU D 75 17.16 17.22 14.09
CA GLU D 75 18.58 17.52 14.04
C GLU D 75 19.18 16.89 12.80
N LEU D 76 18.88 15.62 12.59
CA LEU D 76 19.43 14.86 11.47
C LEU D 76 19.20 15.57 10.14
N LEU D 77 17.96 15.98 9.88
CA LEU D 77 17.64 16.70 8.65
C LEU D 77 18.44 17.99 8.53
N LEU D 78 18.48 18.76 9.61
CA LEU D 78 19.28 19.98 9.63
C LEU D 78 20.73 19.70 9.29
N LYS D 79 21.31 18.71 9.95
CA LYS D 79 22.72 18.37 9.76
C LYS D 79 23.00 17.94 8.32
N ILE D 80 22.23 16.98 7.81
CA ILE D 80 22.46 16.49 6.46
C ILE D 80 22.19 17.57 5.40
N HIS D 81 21.24 18.45 5.69
CA HIS D 81 20.97 19.57 4.80
C HIS D 81 22.13 20.56 4.77
N GLU D 82 22.79 20.73 5.91
CA GLU D 82 23.97 21.58 5.99
C GLU D 82 25.05 21.03 5.07
N VAL D 83 25.34 19.75 5.23
CA VAL D 83 26.39 19.09 4.47
C VAL D 83 26.11 19.15 2.98
N SER D 84 24.83 19.18 2.62
CA SER D 84 24.44 19.20 1.22
C SER D 84 24.55 20.59 0.61
N THR D 85 24.58 21.61 1.47
CA THR D 85 24.62 22.99 1.01
C THR D 85 26.03 23.55 0.97
N VAL D 86 26.97 22.87 1.62
CA VAL D 86 28.36 23.28 1.60
C VAL D 86 29.00 22.88 0.28
N SER D 87 30.01 23.63 -0.15
CA SER D 87 30.72 23.35 -1.40
C SER D 87 31.49 22.04 -1.33
N HIS D 88 31.29 21.20 -2.33
CA HIS D 88 32.06 19.96 -2.46
C HIS D 88 32.95 20.06 -3.70
N ALA D 89 33.16 21.28 -4.17
CA ALA D 89 33.93 21.53 -5.37
C ALA D 89 35.34 20.95 -5.27
N ASP D 90 35.91 20.98 -4.08
CA ASP D 90 37.26 20.49 -3.85
C ASP D 90 37.25 19.11 -3.20
N ALA D 91 36.17 18.37 -3.42
CA ALA D 91 36.05 17.00 -2.92
C ALA D 91 35.92 16.02 -4.07
N ASP D 92 36.37 14.79 -3.84
CA ASP D 92 36.25 13.74 -4.86
C ASP D 92 34.85 13.18 -4.93
N CYS D 93 34.26 12.93 -3.75
CA CYS D 93 32.96 12.28 -3.69
C CYS D 93 32.28 12.51 -2.35
N PHE D 94 31.10 11.94 -2.20
CA PHE D 94 30.37 12.00 -0.93
C PHE D 94 30.00 10.59 -0.47
N VAL D 95 30.05 10.40 0.84
CA VAL D 95 29.66 9.11 1.43
C VAL D 95 28.71 9.36 2.61
N CYS D 96 27.59 8.66 2.60
CA CYS D 96 26.64 8.74 3.71
C CYS D 96 26.27 7.35 4.19
N VAL D 97 26.36 7.14 5.50
CA VAL D 97 26.11 5.83 6.08
C VAL D 97 24.99 5.89 7.12
N PHE D 98 24.03 4.98 7.00
CA PHE D 98 22.93 4.90 7.94
C PHE D 98 22.92 3.59 8.71
N LEU D 99 23.09 3.68 10.02
CA LEU D 99 23.02 2.51 10.89
C LEU D 99 21.81 2.65 11.79
N SER D 100 20.71 2.01 11.40
CA SER D 100 19.46 2.13 12.15
C SER D 100 18.45 1.08 11.72
N HIS D 101 17.25 1.13 12.31
CA HIS D 101 16.14 0.34 11.82
C HIS D 101 15.54 1.06 10.62
N GLY D 102 14.77 0.34 9.82
CA GLY D 102 14.15 0.92 8.65
C GLY D 102 12.93 0.12 8.23
N GLU D 103 12.19 0.65 7.27
CA GLU D 103 10.98 0.01 6.78
C GLU D 103 10.58 0.60 5.44
N GLY D 104 10.41 -0.26 4.43
CA GLY D 104 10.01 0.18 3.12
C GLY D 104 10.89 1.28 2.54
N ASN D 105 10.30 2.44 2.32
CA ASN D 105 11.03 3.57 1.75
C ASN D 105 11.56 4.48 2.82
N HIS D 106 11.70 3.98 4.03
CA HIS D 106 12.03 4.90 5.09
C HIS D 106 13.03 4.33 6.07
N ILE D 107 13.72 5.24 6.75
CA ILE D 107 14.60 4.88 7.85
C ILE D 107 14.18 5.62 9.12
N TYR D 108 14.65 5.13 10.26
CA TYR D 108 14.26 5.71 11.54
C TYR D 108 15.36 6.53 12.20
N ALA D 109 15.01 7.77 12.54
CA ALA D 109 15.83 8.54 13.44
C ALA D 109 15.33 8.24 14.85
N TYR D 110 16.01 8.75 15.87
CA TYR D 110 15.64 8.47 17.25
C TYR D 110 14.13 8.49 17.52
N ASP D 111 13.46 9.52 17.03
CA ASP D 111 12.08 9.78 17.42
C ASP D 111 11.05 9.64 16.30
N ALA D 112 11.51 9.64 15.05
CA ALA D 112 10.59 9.56 13.92
C ALA D 112 11.22 8.95 12.67
N LYS D 113 10.45 8.89 11.59
CA LYS D 113 10.88 8.22 10.37
C LYS D 113 11.02 9.17 9.18
N ILE D 114 12.10 8.99 8.42
CA ILE D 114 12.39 9.84 7.28
C ILE D 114 12.39 9.01 6.01
N GLU D 115 11.85 9.57 4.94
CA GLU D 115 11.94 8.92 3.64
C GLU D 115 13.36 9.04 3.10
N ILE D 116 13.94 7.90 2.76
CA ILE D 116 15.31 7.87 2.30
C ILE D 116 15.51 8.73 1.06
N GLN D 117 14.44 8.90 0.29
CA GLN D 117 14.50 9.69 -0.94
C GLN D 117 14.68 11.19 -0.68
N THR D 118 14.21 11.65 0.47
CA THR D 118 14.39 13.05 0.85
C THR D 118 15.81 13.29 1.33
N LEU D 119 16.39 12.23 1.91
CA LEU D 119 17.82 12.19 2.29
C LEU D 119 18.85 12.14 1.15
N THR D 120 18.61 11.28 0.16
CA THR D 120 19.42 11.22 -1.06
C THR D 120 19.13 12.39 -1.99
N GLY D 121 17.86 12.79 -2.05
CA GLY D 121 17.44 13.88 -2.93
C GLY D 121 18.21 15.16 -2.72
N LEU D 122 18.73 15.35 -1.51
CA LEU D 122 19.46 16.57 -1.17
C LEU D 122 20.76 16.73 -1.94
N PHE D 123 21.29 15.63 -2.48
CA PHE D 123 22.59 15.64 -3.11
C PHE D 123 22.51 15.44 -4.61
N LYS D 124 21.30 15.64 -5.14
CA LYS D 124 21.07 15.51 -6.57
C LYS D 124 21.52 16.74 -7.34
N GLY D 125 21.82 16.55 -8.62
CA GLY D 125 22.34 17.60 -9.48
C GLY D 125 21.74 18.97 -9.26
N ASP D 126 20.41 19.02 -9.20
CA ASP D 126 19.69 20.27 -8.99
C ASP D 126 20.06 20.91 -7.66
N LYS D 127 20.07 20.10 -6.61
CA LYS D 127 20.24 20.60 -5.25
C LYS D 127 21.70 20.72 -4.82
N CYS D 128 22.60 20.05 -5.54
CA CYS D 128 24.00 20.00 -5.15
C CYS D 128 24.91 19.97 -6.37
N HIS D 129 25.16 21.13 -6.95
CA HIS D 129 25.95 21.25 -8.18
C HIS D 129 27.40 20.77 -8.02
N SER D 130 27.98 21.01 -6.85
CA SER D 130 29.38 20.71 -6.63
C SER D 130 29.66 19.20 -6.53
N LEU D 131 28.59 18.41 -6.52
CA LEU D 131 28.73 16.95 -6.48
C LEU D 131 28.28 16.31 -7.78
N VAL D 132 27.88 17.13 -8.74
CA VAL D 132 27.49 16.64 -10.07
C VAL D 132 28.67 15.96 -10.74
N GLY D 133 28.42 14.78 -11.31
CA GLY D 133 29.46 14.02 -11.97
C GLY D 133 30.36 13.30 -10.99
N LYS D 134 30.13 13.54 -9.70
CA LYS D 134 30.91 12.89 -8.65
C LYS D 134 30.10 11.78 -7.99
N PRO D 135 30.77 10.71 -7.55
CA PRO D 135 30.10 9.57 -6.93
C PRO D 135 29.43 9.93 -5.61
N LYS D 136 28.16 9.55 -5.47
CA LYS D 136 27.44 9.72 -4.21
C LYS D 136 27.07 8.35 -3.65
N ILE D 137 27.79 7.92 -2.62
CA ILE D 137 27.64 6.57 -2.09
C ILE D 137 26.92 6.56 -0.75
N PHE D 138 25.77 5.88 -0.71
CA PHE D 138 25.05 5.68 0.54
C PHE D 138 25.16 4.22 0.98
N ILE D 139 25.52 4.01 2.23
CA ILE D 139 25.63 2.67 2.79
C ILE D 139 24.59 2.46 3.87
N ILE D 140 23.68 1.53 3.63
CA ILE D 140 22.55 1.32 4.54
C ILE D 140 22.56 -0.05 5.22
N GLN D 141 22.82 -0.03 6.53
CA GLN D 141 22.65 -1.20 7.37
C GLN D 141 21.39 -0.99 8.20
N ALA D 142 20.25 -1.45 7.68
CA ALA D 142 18.96 -1.22 8.32
C ALA D 142 17.99 -2.36 8.05
N ALA D 143 17.22 -2.72 9.06
CA ALA D 143 16.23 -3.78 8.95
C ALA D 143 15.11 -3.61 9.97
N ARG D 144 14.31 -4.65 10.14
CA ARG D 144 13.20 -4.63 11.09
C ARG D 144 13.56 -5.36 12.38
N GLY D 145 13.42 -4.67 13.50
CA GLY D 145 13.79 -5.22 14.78
C GLY D 145 12.84 -6.30 15.28
N ASN D 146 13.35 -7.18 16.13
CA ASN D 146 12.54 -8.23 16.73
C ASN D 146 11.73 -7.72 17.91
N THR D 167 28.34 -10.22 27.14
CA THR D 167 28.32 -11.47 26.39
C THR D 167 27.91 -11.21 24.93
N ASN D 168 28.70 -11.73 24.00
CA ASN D 168 28.47 -11.52 22.58
C ASN D 168 27.32 -12.38 22.03
N ILE D 169 26.29 -11.72 21.54
CA ILE D 169 25.10 -12.40 21.03
C ILE D 169 24.80 -11.99 19.60
N THR D 170 24.45 -12.97 18.76
CA THR D 170 24.09 -12.70 17.38
C THR D 170 22.58 -12.52 17.24
N GLU D 171 22.16 -11.35 16.79
CA GLU D 171 20.74 -11.05 16.60
C GLU D 171 20.38 -11.06 15.12
N VAL D 172 19.16 -11.50 14.82
CA VAL D 172 18.74 -11.70 13.44
C VAL D 172 17.49 -10.90 13.09
N ASP D 173 17.67 -9.83 12.33
CA ASP D 173 16.56 -9.03 11.84
C ASP D 173 16.21 -9.45 10.42
N ALA D 174 14.98 -9.17 10.01
CA ALA D 174 14.55 -9.45 8.65
C ALA D 174 14.67 -8.21 7.78
N ALA D 175 14.92 -8.40 6.49
CA ALA D 175 15.04 -7.27 5.58
C ALA D 175 13.71 -6.54 5.49
N SER D 176 13.77 -5.21 5.54
CA SER D 176 12.57 -4.39 5.59
C SER D 176 12.66 -3.19 4.66
N VAL D 177 13.89 -2.82 4.31
CA VAL D 177 14.11 -1.62 3.52
C VAL D 177 14.23 -1.93 2.03
N TYR D 178 13.45 -1.21 1.22
CA TYR D 178 13.50 -1.39 -0.22
C TYR D 178 14.87 -1.03 -0.75
N THR D 179 15.49 -1.98 -1.46
CA THR D 179 16.83 -1.79 -2.00
C THR D 179 16.77 -1.09 -3.36
N LEU D 180 16.45 0.20 -3.34
CA LEU D 180 16.29 0.98 -4.56
C LEU D 180 17.48 1.89 -4.81
N PRO D 181 17.70 2.26 -6.08
CA PRO D 181 18.75 3.23 -6.43
C PRO D 181 18.30 4.65 -6.12
N ALA D 182 19.18 5.63 -6.31
CA ALA D 182 18.89 7.00 -5.90
C ALA D 182 18.99 8.03 -7.02
N GLY D 183 19.72 7.71 -8.08
CA GLY D 183 19.86 8.61 -9.21
C GLY D 183 21.21 8.52 -9.90
N ALA D 184 21.40 9.35 -10.93
CA ALA D 184 22.65 9.35 -11.68
C ALA D 184 23.84 9.56 -10.77
N ASP D 185 24.88 8.74 -10.95
CA ASP D 185 26.11 8.83 -10.16
C ASP D 185 25.86 8.51 -8.68
N PHE D 186 24.74 7.85 -8.41
CA PHE D 186 24.43 7.37 -7.07
C PHE D 186 24.75 5.88 -6.94
N LEU D 187 25.45 5.53 -5.87
CA LEU D 187 25.70 4.13 -5.55
C LEU D 187 25.04 3.78 -4.21
N MET D 188 23.99 2.97 -4.26
CA MET D 188 23.26 2.59 -3.06
C MET D 188 23.63 1.19 -2.59
N CYS D 189 24.22 1.11 -1.41
CA CYS D 189 24.70 -0.16 -0.87
C CYS D 189 23.82 -0.62 0.31
N TYR D 190 23.34 -1.86 0.22
CA TYR D 190 22.44 -2.40 1.23
C TYR D 190 22.98 -3.64 1.94
N SER D 191 22.74 -3.72 3.25
CA SER D 191 23.23 -4.81 4.07
C SER D 191 22.57 -6.15 3.74
N VAL D 192 21.30 -6.09 3.39
CA VAL D 192 20.51 -7.30 3.15
C VAL D 192 19.45 -7.04 2.09
N ALA D 193 19.03 -8.09 1.40
CA ALA D 193 17.98 -7.98 0.40
C ALA D 193 16.72 -8.69 0.88
N GLU D 194 15.58 -8.35 0.28
CA GLU D 194 14.30 -8.92 0.66
C GLU D 194 14.32 -10.45 0.62
N GLY D 195 13.76 -11.08 1.64
CA GLY D 195 13.74 -12.52 1.72
C GLY D 195 14.98 -13.06 2.41
N TYR D 196 15.85 -12.15 2.83
CA TYR D 196 17.05 -12.51 3.56
C TYR D 196 17.12 -11.79 4.89
N TYR D 197 17.97 -12.26 5.79
CA TYR D 197 18.04 -11.71 7.14
C TYR D 197 19.37 -11.04 7.44
N SER D 198 19.31 -9.88 8.07
CA SER D 198 20.51 -9.19 8.53
C SER D 198 20.93 -9.73 9.89
N HIS D 199 22.24 -9.79 10.14
CA HIS D 199 22.75 -10.25 11.42
C HIS D 199 23.64 -9.20 12.06
N ARG D 200 23.56 -9.08 13.38
CA ARG D 200 24.47 -8.21 14.12
C ARG D 200 24.86 -8.83 15.46
N GLU D 201 26.17 -8.83 15.73
CA GLU D 201 26.68 -9.34 16.99
C GLU D 201 26.86 -8.18 17.97
N THR D 202 26.38 -8.38 19.21
CA THR D 202 26.34 -7.31 20.19
C THR D 202 27.71 -6.73 20.52
N VAL D 203 28.77 -7.44 20.16
CA VAL D 203 30.13 -6.97 20.40
C VAL D 203 30.86 -6.64 19.11
N ASN D 204 30.84 -7.56 18.16
CA ASN D 204 31.62 -7.43 16.93
C ASN D 204 30.94 -6.62 15.84
N GLY D 205 29.63 -6.38 16.01
CA GLY D 205 28.89 -5.57 15.06
C GLY D 205 28.17 -6.38 14.00
N SER D 206 27.59 -5.68 13.03
CA SER D 206 26.84 -6.33 11.95
C SER D 206 27.75 -7.12 11.03
N TRP D 207 27.24 -8.25 10.53
CA TRP D 207 27.97 -9.06 9.56
C TRP D 207 28.38 -8.22 8.35
N TYR D 208 27.45 -7.41 7.88
CA TYR D 208 27.67 -6.58 6.70
C TYR D 208 28.81 -5.60 6.91
N ILE D 209 28.72 -4.83 8.00
CA ILE D 209 29.72 -3.80 8.30
C ILE D 209 31.10 -4.39 8.57
N GLN D 210 31.15 -5.52 9.29
CA GLN D 210 32.40 -6.20 9.53
C GLN D 210 33.10 -6.54 8.22
N ASP D 211 32.41 -7.29 7.37
CA ASP D 211 32.96 -7.72 6.10
C ASP D 211 33.33 -6.54 5.21
N LEU D 212 32.45 -5.54 5.14
CA LEU D 212 32.73 -4.36 4.35
C LEU D 212 34.01 -3.67 4.82
N CYS D 213 34.16 -3.55 6.13
CA CYS D 213 35.32 -2.89 6.72
C CYS D 213 36.60 -3.71 6.54
N GLU D 214 36.47 -5.03 6.53
CA GLU D 214 37.64 -5.88 6.30
C GLU D 214 38.13 -5.76 4.87
N MET D 215 37.19 -5.66 3.94
CA MET D 215 37.53 -5.51 2.52
C MET D 215 38.02 -4.09 2.23
N LEU D 216 37.48 -3.11 2.95
CA LEU D 216 37.95 -1.74 2.81
C LEU D 216 39.40 -1.62 3.23
N GLY D 217 39.74 -2.25 4.35
CA GLY D 217 41.09 -2.20 4.88
C GLY D 217 42.12 -2.86 3.98
N LYS D 218 41.75 -3.97 3.36
CA LYS D 218 42.69 -4.74 2.55
C LYS D 218 42.73 -4.29 1.09
N TYR D 219 41.57 -3.92 0.55
CA TYR D 219 41.47 -3.69 -0.89
C TYR D 219 40.90 -2.33 -1.28
N GLY D 220 40.42 -1.57 -0.29
CA GLY D 220 39.83 -0.28 -0.56
C GLY D 220 40.68 0.63 -1.42
N SER D 221 41.97 0.67 -1.13
CA SER D 221 42.88 1.59 -1.81
C SER D 221 43.35 1.09 -3.17
N SER D 222 42.81 -0.06 -3.61
CA SER D 222 43.24 -0.64 -4.87
C SER D 222 42.08 -1.09 -5.77
N LEU D 223 41.21 -1.95 -5.27
CA LEU D 223 40.09 -2.48 -6.04
C LEU D 223 39.10 -1.41 -6.47
N GLU D 224 38.47 -1.62 -7.62
CA GLU D 224 37.34 -0.78 -8.03
C GLU D 224 36.22 -1.06 -7.03
N PHE D 225 35.50 0.00 -6.64
CA PHE D 225 34.62 -0.11 -5.49
C PHE D 225 33.47 -1.12 -5.61
N THR D 226 32.88 -1.24 -6.79
CA THR D 226 31.78 -2.19 -6.99
C THR D 226 32.29 -3.63 -6.98
N GLU D 227 33.57 -3.80 -7.29
CA GLU D 227 34.18 -5.13 -7.26
C GLU D 227 34.58 -5.50 -5.84
N LEU D 228 34.84 -4.49 -5.02
CA LEU D 228 35.08 -4.70 -3.60
C LEU D 228 33.76 -5.04 -2.91
N LEU D 229 32.70 -4.37 -3.35
CA LEU D 229 31.36 -4.63 -2.82
C LEU D 229 30.90 -6.04 -3.15
N THR D 230 31.31 -6.53 -4.33
CA THR D 230 30.98 -7.89 -4.73
C THR D 230 31.66 -8.90 -3.82
N LEU D 231 32.85 -8.54 -3.33
CA LEU D 231 33.56 -9.37 -2.36
C LEU D 231 32.75 -9.48 -1.07
N VAL D 232 32.26 -8.34 -0.60
CA VAL D 232 31.43 -8.31 0.60
C VAL D 232 30.20 -9.18 0.42
N ASN D 233 29.65 -9.17 -0.79
CA ASN D 233 28.54 -10.06 -1.13
C ASN D 233 28.89 -11.51 -0.85
N ARG D 234 30.04 -11.94 -1.35
CA ARG D 234 30.49 -13.32 -1.19
C ARG D 234 30.73 -13.64 0.28
N LYS D 235 31.53 -12.82 0.95
CA LYS D 235 31.88 -13.03 2.34
C LYS D 235 30.64 -13.18 3.21
N VAL D 236 29.73 -12.21 3.13
CA VAL D 236 28.50 -12.25 3.91
C VAL D 236 27.64 -13.46 3.56
N SER D 237 27.51 -13.74 2.27
CA SER D 237 26.67 -14.85 1.81
C SER D 237 27.25 -16.20 2.23
N GLN D 238 28.52 -16.19 2.65
CA GLN D 238 29.19 -17.42 3.03
C GLN D 238 29.17 -17.67 4.54
N ARG D 239 28.82 -16.64 5.30
CA ARG D 239 28.71 -16.78 6.74
C ARG D 239 27.65 -17.83 7.08
N ARG D 240 28.08 -18.88 7.76
CA ARG D 240 27.22 -20.03 8.04
C ARG D 240 26.13 -19.73 9.07
N VAL D 241 24.91 -20.14 8.75
CA VAL D 241 23.80 -20.06 9.68
C VAL D 241 23.25 -21.46 9.90
N ASP D 242 24.16 -22.43 9.94
CA ASP D 242 23.79 -23.85 9.95
C ASP D 242 23.85 -24.50 11.34
N PHE D 243 24.89 -24.16 12.11
CA PHE D 243 25.03 -24.66 13.47
C PHE D 243 24.91 -23.51 14.45
N CYS D 244 23.68 -23.07 14.71
CA CYS D 244 23.44 -21.94 15.58
C CYS D 244 23.21 -22.36 17.02
N LYS D 245 23.74 -21.57 17.94
CA LYS D 245 23.40 -21.70 19.35
C LYS D 245 21.99 -21.18 19.55
N ASP D 246 21.57 -20.35 18.61
CA ASP D 246 20.21 -19.87 18.58
C ASP D 246 19.45 -20.48 17.39
N PRO D 247 18.89 -21.69 17.61
CA PRO D 247 18.37 -22.51 16.51
C PRO D 247 17.13 -21.89 15.90
N SER D 248 16.69 -20.79 16.48
CA SER D 248 15.61 -20.02 15.91
C SER D 248 16.05 -19.53 14.55
N ALA D 249 17.36 -19.28 14.42
CA ALA D 249 17.87 -18.65 13.20
C ALA D 249 18.73 -19.56 12.34
N ILE D 250 18.38 -20.85 12.29
CA ILE D 250 19.06 -21.78 11.40
C ILE D 250 18.48 -21.68 10.00
N GLY D 251 19.34 -21.42 9.03
CA GLY D 251 18.90 -21.32 7.64
C GLY D 251 18.42 -19.94 7.27
N LYS D 252 18.68 -18.96 8.15
CA LYS D 252 18.37 -17.57 7.84
C LYS D 252 19.59 -16.89 7.24
N LYS D 253 19.74 -17.03 5.93
CA LYS D 253 20.94 -16.59 5.22
C LYS D 253 20.92 -15.09 4.96
N GLN D 254 22.10 -14.47 4.98
CA GLN D 254 22.22 -13.05 4.68
C GLN D 254 22.95 -12.83 3.36
N VAL D 255 22.29 -12.14 2.44
CA VAL D 255 22.92 -11.74 1.19
C VAL D 255 22.72 -10.25 0.98
N PRO D 256 23.81 -9.49 0.87
CA PRO D 256 23.74 -8.05 0.62
C PRO D 256 23.49 -7.77 -0.85
N CYS D 257 23.51 -6.50 -1.21
CA CYS D 257 23.36 -6.10 -2.61
C CYS D 257 23.65 -4.62 -2.73
N PHE D 258 23.95 -4.17 -3.94
CA PHE D 258 24.10 -2.76 -4.22
C PHE D 258 23.42 -2.40 -5.53
N ALA D 259 22.69 -1.29 -5.52
CA ALA D 259 22.07 -0.77 -6.73
C ALA D 259 22.97 0.34 -7.27
N SER D 260 23.43 0.17 -8.49
CA SER D 260 24.41 1.09 -9.05
C SER D 260 23.85 1.94 -10.19
N MET D 261 24.05 3.25 -10.07
CA MET D 261 23.76 4.16 -11.17
C MET D 261 25.00 4.99 -11.45
N LEU D 262 26.15 4.42 -11.14
CA LEU D 262 27.43 5.02 -11.47
C LEU D 262 27.65 4.93 -12.97
N THR D 263 28.48 5.82 -13.51
CA THR D 263 28.70 5.88 -14.94
C THR D 263 30.18 5.71 -15.28
N LYS D 264 31.00 5.57 -14.26
CA LYS D 264 32.44 5.42 -14.43
C LYS D 264 33.00 4.45 -13.41
N LYS D 265 34.23 4.01 -13.63
CA LYS D 265 34.93 3.19 -12.64
C LYS D 265 35.24 4.04 -11.42
N LEU D 266 35.24 3.41 -10.24
CA LEU D 266 35.48 4.14 -9.01
C LEU D 266 36.61 3.51 -8.20
N HIS D 267 37.72 4.24 -8.09
CA HIS D 267 38.84 3.81 -7.27
C HIS D 267 39.11 4.83 -6.17
N PHE D 268 39.55 4.34 -5.03
CA PHE D 268 40.01 5.21 -3.96
C PHE D 268 41.52 5.05 -3.79
N PHE D 269 42.28 5.27 -4.85
CA PHE D 269 43.73 5.24 -4.77
C PHE D 269 44.21 6.26 -3.75
N PRO D 270 45.33 5.98 -3.09
CA PRO D 270 45.92 6.93 -2.14
C PRO D 270 46.18 8.28 -2.84
N LYS D 271 45.87 9.36 -2.16
CA LYS D 271 46.03 10.70 -2.74
C LYS D 271 47.45 11.22 -2.58
N SER D 272 47.83 12.15 -3.45
CA SER D 272 49.15 12.74 -3.43
C SER D 272 50.18 11.82 -4.06
N ARG E 7 1.85 -26.01 -10.36
CA ARG E 7 1.25 -25.63 -11.63
C ARG E 7 0.76 -24.19 -11.62
N LEU E 8 -0.03 -23.83 -12.63
CA LEU E 8 -0.49 -22.46 -12.80
C LEU E 8 -1.63 -22.12 -11.85
N HIS E 9 -1.64 -20.87 -11.38
CA HIS E 9 -2.69 -20.42 -10.47
C HIS E 9 -3.04 -18.95 -10.69
N CYS E 10 -4.32 -18.66 -10.86
CA CYS E 10 -4.77 -17.29 -10.97
C CYS E 10 -4.94 -16.71 -9.57
N VAL E 11 -4.36 -15.53 -9.35
CA VAL E 11 -4.46 -14.87 -8.05
C VAL E 11 -5.52 -13.79 -8.10
N GLU E 12 -5.87 -13.35 -9.31
CA GLU E 12 -6.93 -12.37 -9.49
C GLU E 12 -7.71 -12.59 -10.78
N TRP E 13 -9.04 -12.60 -10.65
CA TRP E 13 -9.91 -12.73 -11.81
C TRP E 13 -10.66 -11.43 -12.05
N THR E 14 -10.89 -11.12 -13.32
CA THR E 14 -11.76 -10.01 -13.68
C THR E 14 -12.89 -10.52 -14.55
N ILE E 15 -13.94 -9.72 -14.69
CA ILE E 15 -15.00 -10.04 -15.62
C ILE E 15 -14.91 -9.13 -16.85
N LEU E 16 -14.60 -9.73 -17.99
CA LEU E 16 -14.41 -8.98 -19.24
C LEU E 16 -15.69 -8.35 -19.78
N GLU E 17 -15.52 -7.31 -20.60
CA GLU E 17 -16.65 -6.61 -21.18
C GLU E 17 -17.01 -7.17 -22.56
N ARG E 18 -16.04 -7.79 -23.21
CA ARG E 18 -16.25 -8.36 -24.54
C ARG E 18 -15.28 -9.50 -24.82
N ARG F 7 -17.25 -12.49 -19.93
CA ARG F 7 -16.58 -13.76 -19.67
C ARG F 7 -15.42 -13.57 -18.70
N LEU F 8 -14.91 -14.67 -18.16
CA LEU F 8 -13.86 -14.60 -17.15
C LEU F 8 -12.44 -14.58 -17.70
N HIS F 9 -11.53 -13.99 -16.94
CA HIS F 9 -10.16 -13.79 -17.38
C HIS F 9 -9.29 -13.50 -16.16
N CYS F 10 -8.26 -14.33 -15.96
CA CYS F 10 -7.28 -14.05 -14.92
C CYS F 10 -6.44 -12.86 -15.36
N VAL F 11 -6.21 -11.93 -14.44
CA VAL F 11 -5.37 -10.78 -14.74
C VAL F 11 -3.97 -10.92 -14.17
N GLU F 12 -3.77 -11.95 -13.34
CA GLU F 12 -2.45 -12.20 -12.76
C GLU F 12 -2.25 -13.67 -12.41
N TRP F 13 -1.22 -14.28 -13.01
CA TRP F 13 -0.91 -15.68 -12.79
C TRP F 13 0.35 -15.85 -11.94
N THR F 14 0.46 -16.99 -11.29
CA THR F 14 1.67 -17.35 -10.57
C THR F 14 1.91 -18.85 -10.70
N ILE F 15 2.98 -19.34 -10.08
CA ILE F 15 3.28 -20.76 -10.06
C ILE F 15 3.40 -21.26 -8.62
N LEU F 16 2.75 -22.37 -8.33
CA LEU F 16 2.79 -22.95 -6.99
C LEU F 16 3.66 -24.21 -6.96
N GLU F 17 3.42 -25.06 -5.96
CA GLU F 17 4.17 -26.30 -5.81
C GLU F 17 5.53 -26.05 -5.17
N ARG G 7 3.10 15.56 25.27
CA ARG G 7 2.49 14.38 24.65
C ARG G 7 2.29 14.57 23.16
N LEU G 8 2.45 15.81 22.69
CA LEU G 8 2.47 16.11 21.26
C LEU G 8 3.68 15.43 20.66
N HIS G 9 3.53 14.88 19.45
CA HIS G 9 4.65 14.19 18.82
C HIS G 9 4.56 14.12 17.29
N CYS G 10 5.56 14.68 16.62
CA CYS G 10 5.66 14.53 15.18
C CYS G 10 6.03 13.08 14.90
N VAL G 11 5.43 12.49 13.86
CA VAL G 11 5.77 11.13 13.46
C VAL G 11 6.59 11.10 12.18
N GLU G 12 6.59 12.21 11.44
CA GLU G 12 7.43 12.32 10.25
C GLU G 12 7.83 13.75 9.95
N TRP G 13 9.12 13.97 9.74
CA TRP G 13 9.65 15.29 9.40
C TRP G 13 10.12 15.33 7.95
N THR G 14 9.97 16.48 7.33
CA THR G 14 10.53 16.70 6.00
C THR G 14 11.28 18.02 5.96
N ILE G 15 12.05 18.24 4.91
CA ILE G 15 12.77 19.49 4.72
C ILE G 15 12.13 20.31 3.62
N LEU G 16 11.97 21.61 3.86
CA LEU G 16 11.39 22.53 2.89
C LEU G 16 12.37 23.66 2.55
N GLU G 17 11.95 24.56 1.66
CA GLU G 17 12.83 25.63 1.19
C GLU G 17 12.40 27.01 1.68
N ARG G 18 11.40 27.58 1.02
CA ARG G 18 10.87 28.88 1.39
C ARG G 18 9.54 28.74 2.11
N ARG H 7 13.42 25.28 5.88
CA ARG H 7 13.13 25.02 7.28
C ARG H 7 12.50 23.65 7.45
N LEU H 8 12.43 23.19 8.70
CA LEU H 8 11.86 21.89 9.03
C LEU H 8 10.36 21.93 9.14
N HIS H 9 9.73 20.79 8.93
CA HIS H 9 8.28 20.70 9.07
C HIS H 9 7.89 19.26 9.37
N CYS H 10 7.13 19.08 10.44
CA CYS H 10 6.52 17.79 10.69
C CYS H 10 5.30 17.71 9.79
N VAL H 11 5.20 16.64 9.01
CA VAL H 11 4.11 16.50 8.07
C VAL H 11 2.89 15.84 8.72
N GLU H 12 3.12 15.15 9.83
CA GLU H 12 2.05 14.48 10.55
C GLU H 12 2.29 14.52 12.06
N TRP H 13 1.26 14.97 12.80
CA TRP H 13 1.31 15.00 14.26
C TRP H 13 0.38 13.95 14.84
N THR H 14 0.79 13.37 15.96
CA THR H 14 -0.10 12.54 16.75
C THR H 14 -0.01 13.03 18.19
N ILE H 15 -0.83 12.45 19.07
CA ILE H 15 -0.76 12.79 20.48
C ILE H 15 -0.71 11.52 21.33
N LEU H 16 0.30 11.43 22.17
CA LEU H 16 0.57 10.20 22.91
C LEU H 16 0.04 10.25 24.34
N GLU H 17 -0.16 9.07 24.92
CA GLU H 17 -0.70 8.97 26.26
C GLU H 17 0.36 8.59 27.29
N ARG H 18 1.58 9.02 27.03
CA ARG H 18 2.71 8.79 27.93
C ARG H 18 2.54 7.55 28.80
#